data_5A95
#
_entry.id   5A95
#
_cell.length_a   72.048
_cell.length_b   60.384
_cell.length_c   130.326
_cell.angle_alpha   90.00
_cell.angle_beta   104.75
_cell.angle_gamma   90.00
#
_symmetry.space_group_name_H-M   'P 1 21 1'
#
loop_
_entity.id
_entity.type
_entity.pdbx_description
1 polymer 'PUTATIVE RETAINING B-GLYCOSIDASE'
2 branched beta-D-glucopyranose-(1-3)-beta-D-glucopyranose-(1-4)-beta-D-glucopyranose
3 non-polymer 'MAGNESIUM ION'
4 non-polymer 'CHLORIDE ION'
5 non-polymer 'SODIUM ION'
6 non-polymer 2-AMINO-2-HYDROXYMETHYL-PROPANE-1,3-DIOL
7 water water
#
_entity_poly.entity_id   1
_entity_poly.type   'polypeptide(L)'
_entity_poly.pdbx_seq_one_letter_code
;MRTTKFLALALCLLASASALSANNSAPSNDWWDIPYPSQFDVKSLKTQSFISVKGNKFIDDKGKTFTFRGVNIADTGKLL
SRNQWQKSLFEELANNWGVNTIRLPIHPVSWRKLGPDVYLGHIDEAVRWANDLGIYLILDWHSIGYLPTEQYQHPMYDTT
IKETRDFWRRITFRYQNVPTVAVYELFNEPTTMGNTLGERNWAEWKTLNESLIDMIYASDKTVIPLVAGFNWAYDLSPIK
KAPIEREGIAYAAHPYPQKAKPEVKNDKNFFKLWDEKWGFAADTYPVIATQLGWVQPDGYGAHIPVKDDGSYGPRIVKYM
QKKGVSYTVWVFDPDWSPTMINDWDFTPSEQGAFFKQVMLEAKKR
;
_entity_poly.pdbx_strand_id   A,B,C
#
# COMPACT_ATOMS: atom_id res chain seq x y z
N SER A 28 -17.00 25.19 -1.93
CA SER A 28 -17.53 24.06 -2.76
C SER A 28 -17.43 22.72 -2.05
N ASN A 29 -18.32 21.82 -2.45
CA ASN A 29 -18.12 20.40 -2.23
C ASN A 29 -17.29 19.79 -3.38
N ASP A 30 -16.72 20.66 -4.22
CA ASP A 30 -15.94 20.23 -5.39
C ASP A 30 -14.45 20.08 -5.09
N TRP A 31 -13.93 18.92 -5.47
CA TRP A 31 -12.54 18.57 -5.15
C TRP A 31 -11.52 19.52 -5.75
N TRP A 32 -11.82 20.17 -6.88
CA TRP A 32 -10.86 21.07 -7.52
C TRP A 32 -10.74 22.41 -6.82
N ASP A 33 -11.65 22.68 -5.87
CA ASP A 33 -11.63 23.89 -5.05
C ASP A 33 -10.98 23.70 -3.69
N ILE A 34 -10.56 22.48 -3.38
CA ILE A 34 -9.90 22.21 -2.09
C ILE A 34 -8.58 23.00 -2.02
N PRO A 35 -8.42 23.84 -0.98
CA PRO A 35 -7.24 24.69 -0.97
C PRO A 35 -5.94 23.93 -0.74
N TYR A 36 -4.84 24.49 -1.22
CA TYR A 36 -3.53 24.06 -0.83
C TYR A 36 -3.33 24.36 0.65
N PRO A 37 -2.47 23.59 1.32
CA PRO A 37 -2.27 23.82 2.75
C PRO A 37 -1.48 25.10 3.06
N SER A 38 -1.64 25.60 4.28
CA SER A 38 -0.92 26.78 4.75
C SER A 38 0.05 26.45 5.87
N GLN A 39 1.01 27.33 6.09
CA GLN A 39 2.01 27.19 7.13
C GLN A 39 1.61 27.96 8.38
N PHE A 40 2.03 27.45 9.52
CA PHE A 40 1.82 28.12 10.79
C PHE A 40 2.41 29.53 10.78
N ASP A 41 1.65 30.48 11.33
CA ASP A 41 2.06 31.88 11.31
C ASP A 41 3.15 32.13 12.36
N VAL A 42 4.40 32.12 11.93
CA VAL A 42 5.54 32.27 12.83
C VAL A 42 5.55 33.63 13.55
N LYS A 43 4.88 34.63 12.98
CA LYS A 43 4.79 35.98 13.58
C LYS A 43 3.89 36.01 14.80
N SER A 44 3.07 34.98 14.99
CA SER A 44 2.19 34.91 16.16
C SER A 44 2.92 34.46 17.44
N LEU A 45 4.18 34.07 17.28
CA LEU A 45 4.93 33.47 18.39
C LEU A 45 5.74 34.47 19.15
N LYS A 46 5.84 34.27 20.47
CA LYS A 46 6.85 34.95 21.28
C LYS A 46 8.25 34.43 20.95
N THR A 47 9.27 35.26 21.20
CA THR A 47 10.64 34.81 21.03
C THR A 47 10.89 33.51 21.83
N GLN A 48 11.60 32.57 21.22
CA GLN A 48 11.88 31.29 21.81
C GLN A 48 13.02 30.71 21.00
N SER A 49 14.07 30.27 21.68
CA SER A 49 15.23 29.78 20.99
C SER A 49 14.94 28.49 20.25
N PHE A 50 15.45 28.35 19.05
CA PHE A 50 15.57 27.04 18.44
C PHE A 50 16.52 26.19 19.26
N ILE A 51 16.23 24.91 19.33
CA ILE A 51 17.13 23.91 19.88
C ILE A 51 17.73 23.17 18.70
N SER A 52 19.01 22.93 18.73
CA SER A 52 19.75 22.25 17.66
C SER A 52 20.65 21.18 18.26
N VAL A 53 21.23 20.36 17.38
CA VAL A 53 22.16 19.32 17.77
C VAL A 53 23.56 19.78 17.47
N LYS A 54 24.45 19.59 18.43
CA LYS A 54 25.88 19.79 18.18
C LYS A 54 26.62 18.67 18.91
N GLY A 55 27.20 17.77 18.13
CA GLY A 55 27.84 16.62 18.71
C GLY A 55 26.85 15.77 19.50
N ASN A 56 27.20 15.45 20.72
CA ASN A 56 26.34 14.64 21.56
C ASN A 56 25.37 15.45 22.39
N LYS A 57 25.23 16.75 22.12
CA LYS A 57 24.40 17.62 22.94
C LYS A 57 23.30 18.29 22.12
N PHE A 58 22.21 18.60 22.80
CA PHE A 58 21.33 19.64 22.34
C PHE A 58 21.87 20.98 22.83
N ILE A 59 21.72 22.03 22.02
CA ILE A 59 22.11 23.39 22.40
C ILE A 59 21.04 24.39 22.01
N ASP A 60 20.99 25.50 22.76
CA ASP A 60 20.14 26.63 22.39
C ASP A 60 20.93 27.59 21.50
N ASP A 61 20.30 28.72 21.17
CA ASP A 61 20.88 29.70 20.26
C ASP A 61 21.97 30.58 20.88
N LYS A 62 22.20 30.42 22.20
CA LYS A 62 23.38 31.00 22.87
C LYS A 62 24.55 29.97 22.98
N GLY A 63 24.31 28.74 22.45
CA GLY A 63 25.30 27.67 22.52
C GLY A 63 25.32 26.89 23.83
N LYS A 64 24.39 27.19 24.72
CA LYS A 64 24.28 26.54 26.03
C LYS A 64 23.65 25.17 25.85
N THR A 65 24.21 24.17 26.51
CA THR A 65 23.65 22.85 26.53
C THR A 65 22.23 22.86 27.07
N PHE A 66 21.33 22.20 26.34
CA PHE A 66 19.94 22.13 26.67
C PHE A 66 19.57 20.68 26.93
N THR A 67 18.70 20.46 27.91
CA THR A 67 18.18 19.11 28.20
C THR A 67 16.67 19.16 28.16
N PHE A 68 16.04 18.33 27.31
CA PHE A 68 14.59 18.20 27.36
C PHE A 68 14.23 17.43 28.64
N ARG A 69 13.34 17.98 29.44
CA ARG A 69 12.89 17.39 30.69
C ARG A 69 11.40 17.65 30.77
N GLY A 70 10.61 16.58 30.71
CA GLY A 70 9.16 16.78 30.77
C GLY A 70 8.38 15.50 30.78
N VAL A 71 7.20 15.57 30.15
CA VAL A 71 6.24 14.49 30.23
C VAL A 71 5.56 14.27 28.88
N ASN A 72 5.07 13.05 28.69
CA ASN A 72 3.99 12.75 27.76
C ASN A 72 2.67 13.17 28.33
N ILE A 73 1.78 13.61 27.46
CA ILE A 73 0.35 13.64 27.74
C ILE A 73 -0.28 12.64 26.77
N ALA A 74 -1.57 12.38 26.96
CA ALA A 74 -2.26 11.44 26.08
C ALA A 74 -2.47 12.02 24.68
N ASP A 75 -2.89 11.15 23.75
CA ASP A 75 -3.27 11.58 22.41
C ASP A 75 -4.34 12.69 22.48
N THR A 76 -4.22 13.64 21.56
CA THR A 76 -5.10 14.80 21.49
C THR A 76 -6.56 14.38 21.43
N GLY A 77 -6.86 13.39 20.60
CA GLY A 77 -8.23 12.92 20.46
C GLY A 77 -8.79 12.31 21.74
N LYS A 78 -7.97 11.55 22.46
CA LYS A 78 -8.37 10.98 23.73
C LYS A 78 -8.76 12.12 24.66
N LEU A 79 -7.91 13.14 24.75
CA LEU A 79 -8.17 14.28 25.63
C LEU A 79 -9.40 15.07 25.21
N LEU A 80 -9.57 15.32 23.91
CA LEU A 80 -10.73 16.05 23.41
C LEU A 80 -12.04 15.36 23.80
N SER A 81 -12.02 14.04 23.79
CA SER A 81 -13.23 13.27 23.98
C SER A 81 -13.90 13.58 25.34
N ARG A 82 -13.10 14.03 26.31
CA ARG A 82 -13.60 14.40 27.64
C ARG A 82 -13.33 15.86 27.98
N ASN A 83 -13.14 16.69 26.97
CA ASN A 83 -12.90 18.12 27.17
C ASN A 83 -11.69 18.41 28.06
N GLN A 84 -10.65 17.57 27.94
CA GLN A 84 -9.43 17.75 28.69
C GLN A 84 -8.26 18.21 27.81
N TRP A 85 -8.51 18.45 26.53
CA TRP A 85 -7.52 19.10 25.67
C TRP A 85 -7.67 20.60 25.89
N GLN A 86 -6.86 21.14 26.82
N GLN A 86 -6.85 21.18 26.75
CA GLN A 86 -7.03 22.47 27.42
CA GLN A 86 -7.04 22.56 27.10
C GLN A 86 -5.70 23.14 27.63
C GLN A 86 -5.77 23.15 27.68
N LYS A 87 -5.67 24.46 27.53
CA LYS A 87 -4.49 25.21 27.91
C LYS A 87 -4.07 24.95 29.33
N SER A 88 -5.04 24.77 30.23
CA SER A 88 -4.76 24.61 31.66
C SER A 88 -3.85 23.41 31.93
N LEU A 89 -3.91 22.40 31.06
CA LEU A 89 -3.03 21.23 31.18
C LEU A 89 -1.55 21.65 30.99
N PHE A 90 -1.28 22.44 29.96
CA PHE A 90 0.09 22.90 29.68
C PHE A 90 0.57 23.83 30.79
N GLU A 91 -0.32 24.71 31.24
CA GLU A 91 0.02 25.66 32.30
C GLU A 91 0.39 24.94 33.60
N GLU A 92 -0.39 23.91 33.96
CA GLU A 92 -0.10 23.16 35.17
C GLU A 92 1.31 22.56 35.08
N LEU A 93 1.60 21.97 33.95
CA LEU A 93 2.88 21.32 33.77
C LEU A 93 4.06 22.30 33.82
N ALA A 94 3.96 23.38 33.05
CA ALA A 94 5.03 24.37 32.97
C ALA A 94 5.20 25.10 34.30
N ASN A 95 4.08 25.45 34.92
CA ASN A 95 4.15 26.29 36.12
C ASN A 95 4.44 25.53 37.41
N ASN A 96 3.95 24.31 37.49
CA ASN A 96 4.01 23.52 38.73
C ASN A 96 4.79 22.22 38.73
N TRP A 97 5.10 21.69 37.55
CA TRP A 97 5.82 20.41 37.46
C TRP A 97 7.24 20.49 36.92
N GLY A 98 7.71 21.69 36.61
CA GLY A 98 9.11 21.91 36.24
C GLY A 98 9.44 21.52 34.83
N VAL A 99 8.43 21.24 34.00
CA VAL A 99 8.75 20.75 32.67
C VAL A 99 9.23 21.84 31.74
N ASN A 100 10.11 21.49 30.78
CA ASN A 100 10.39 22.35 29.67
C ASN A 100 9.92 21.74 28.34
N THR A 101 9.31 20.54 28.39
CA THR A 101 8.94 19.77 27.20
C THR A 101 7.68 18.96 27.44
N ILE A 102 6.82 18.92 26.43
CA ILE A 102 5.72 17.98 26.38
C ILE A 102 5.84 17.14 25.11
N ARG A 103 5.70 15.83 25.26
CA ARG A 103 5.65 14.90 24.12
C ARG A 103 4.18 14.58 23.82
N LEU A 104 3.82 14.72 22.55
CA LEU A 104 2.46 14.45 22.05
CA LEU A 104 2.46 14.43 22.10
C LEU A 104 2.48 13.12 21.30
N PRO A 105 1.85 12.07 21.85
CA PRO A 105 1.87 10.76 21.20
C PRO A 105 0.70 10.66 20.23
N ILE A 106 0.95 11.01 18.97
CA ILE A 106 -0.09 11.08 17.95
C ILE A 106 -0.35 9.69 17.43
N HIS A 107 -1.50 9.13 17.80
CA HIS A 107 -1.83 7.78 17.40
C HIS A 107 -2.40 7.77 15.98
N PRO A 108 -1.93 6.87 15.12
CA PRO A 108 -2.46 6.89 13.75
C PRO A 108 -3.99 6.74 13.66
N VAL A 109 -4.59 5.93 14.53
CA VAL A 109 -6.05 5.76 14.45
C VAL A 109 -6.76 7.09 14.73
N SER A 110 -6.18 7.90 15.60
CA SER A 110 -6.71 9.22 15.98
C SER A 110 -6.50 10.27 14.89
N TRP A 111 -5.32 10.22 14.26
CA TRP A 111 -5.03 11.00 13.07
C TRP A 111 -6.14 10.76 12.05
N ARG A 112 -6.47 9.49 11.80
CA ARG A 112 -7.54 9.18 10.85
C ARG A 112 -8.92 9.63 11.35
N LYS A 113 -9.21 9.40 12.65
CA LYS A 113 -10.53 9.67 13.17
C LYS A 113 -10.87 11.17 13.13
N LEU A 114 -9.96 11.98 13.65
CA LEU A 114 -10.14 13.43 13.58
C LEU A 114 -9.94 13.96 12.17
N GLY A 115 -9.05 13.29 11.43
CA GLY A 115 -8.62 13.73 10.12
C GLY A 115 -7.43 14.68 10.21
N PRO A 116 -6.53 14.63 9.22
CA PRO A 116 -5.37 15.51 9.24
C PRO A 116 -5.66 16.99 9.49
N ASP A 117 -6.65 17.54 8.78
CA ASP A 117 -6.87 18.98 8.86
C ASP A 117 -7.22 19.39 10.29
N VAL A 118 -8.14 18.65 10.90
CA VAL A 118 -8.56 18.93 12.26
C VAL A 118 -7.44 18.64 13.27
N TYR A 119 -6.77 17.51 13.11
CA TYR A 119 -5.69 17.18 14.04
C TYR A 119 -4.61 18.29 14.03
N LEU A 120 -4.22 18.73 12.82
CA LEU A 120 -3.22 19.79 12.73
C LEU A 120 -3.71 21.08 13.40
N GLY A 121 -5.00 21.38 13.27
CA GLY A 121 -5.54 22.54 13.96
C GLY A 121 -5.38 22.44 15.48
N HIS A 122 -5.48 21.23 16.01
CA HIS A 122 -5.26 21.02 17.45
C HIS A 122 -3.78 21.10 17.82
N ILE A 123 -2.89 20.57 16.97
CA ILE A 123 -1.47 20.73 17.21
C ILE A 123 -1.12 22.22 17.24
N ASP A 124 -1.74 23.03 16.37
CA ASP A 124 -1.51 24.49 16.41
C ASP A 124 -1.81 25.06 17.79
N GLU A 125 -2.89 24.58 18.41
CA GLU A 125 -3.24 25.03 19.76
C GLU A 125 -2.11 24.73 20.74
N ALA A 126 -1.60 23.50 20.66
CA ALA A 126 -0.47 23.12 21.51
C ALA A 126 0.77 23.97 21.27
N VAL A 127 1.05 24.29 20.01
CA VAL A 127 2.18 25.13 19.67
C VAL A 127 2.02 26.49 20.36
N ARG A 128 0.84 27.08 20.25
CA ARG A 128 0.61 28.38 20.86
C ARG A 128 0.74 28.30 22.38
N TRP A 129 0.13 27.28 22.96
CA TRP A 129 0.19 27.11 24.42
C TRP A 129 1.63 26.94 24.89
N ALA A 130 2.35 26.03 24.25
CA ALA A 130 3.72 25.76 24.63
C ALA A 130 4.58 27.02 24.45
N ASN A 131 4.45 27.70 23.32
CA ASN A 131 5.22 28.92 23.11
C ASN A 131 4.90 29.99 24.15
N ASP A 132 3.62 30.11 24.50
CA ASP A 132 3.23 31.11 25.51
C ASP A 132 3.94 30.85 26.85
N LEU A 133 4.22 29.58 27.12
CA LEU A 133 4.84 29.16 28.36
C LEU A 133 6.34 28.94 28.26
N GLY A 134 6.89 29.10 27.06
CA GLY A 134 8.33 28.94 26.85
C GLY A 134 8.83 27.50 26.84
N ILE A 135 7.91 26.55 26.62
CA ILE A 135 8.27 25.13 26.60
C ILE A 135 8.20 24.57 25.17
N TYR A 136 8.77 23.39 25.02
CA TYR A 136 8.96 22.78 23.70
C TYR A 136 8.12 21.52 23.50
N LEU A 137 7.86 21.19 22.24
CA LEU A 137 7.11 19.98 21.91
C LEU A 137 8.00 18.97 21.20
N ILE A 138 7.77 17.71 21.55
CA ILE A 138 8.20 16.56 20.78
C ILE A 138 6.95 15.99 20.11
N LEU A 139 6.94 15.90 18.78
CA LEU A 139 5.83 15.29 18.09
C LEU A 139 6.22 13.86 17.77
N ASP A 140 5.42 12.93 18.26
CA ASP A 140 5.71 11.49 18.21
C ASP A 140 4.64 10.81 17.36
N TRP A 141 5.07 10.21 16.24
CA TRP A 141 4.17 9.39 15.46
C TRP A 141 4.07 8.02 16.17
N HIS A 142 2.99 7.88 16.90
CA HIS A 142 2.93 6.91 17.98
C HIS A 142 2.35 5.57 17.50
N SER A 143 3.21 4.81 16.83
CA SER A 143 2.92 3.48 16.42
C SER A 143 3.87 2.51 17.13
N ILE A 144 3.49 1.23 17.13
CA ILE A 144 4.22 0.15 17.78
C ILE A 144 4.16 -1.02 16.82
N GLY A 145 5.31 -1.42 16.27
CA GLY A 145 5.35 -2.50 15.31
C GLY A 145 6.45 -2.31 14.30
N TYR A 146 6.26 -2.88 13.11
CA TYR A 146 7.32 -2.95 12.11
C TYR A 146 6.82 -2.30 10.84
N LEU A 147 7.24 -1.05 10.66
CA LEU A 147 6.77 -0.28 9.55
C LEU A 147 7.09 -0.90 8.17
N PRO A 148 8.28 -1.53 8.02
CA PRO A 148 8.56 -2.08 6.69
C PRO A 148 7.56 -3.11 6.16
N THR A 149 6.97 -3.90 7.07
CA THR A 149 5.92 -4.85 6.68
C THR A 149 4.52 -4.32 6.96
N GLU A 150 4.42 -3.15 7.57
CA GLU A 150 3.13 -2.54 7.93
C GLU A 150 2.30 -3.46 8.82
N GLN A 151 2.94 -4.05 9.81
CA GLN A 151 2.29 -4.92 10.78
C GLN A 151 2.57 -4.40 12.19
N TYR A 152 1.57 -4.44 13.07
CA TYR A 152 1.60 -3.69 14.33
C TYR A 152 1.11 -4.47 15.53
N GLN A 153 1.40 -3.93 16.70
CA GLN A 153 0.99 -4.54 17.94
C GLN A 153 -0.53 -4.54 18.13
N HIS A 154 -1.21 -3.51 17.67
CA HIS A 154 -2.63 -3.31 17.90
C HIS A 154 -3.15 -2.37 16.84
N PRO A 155 -4.43 -2.50 16.47
CA PRO A 155 -4.98 -1.59 15.43
C PRO A 155 -4.93 -0.09 15.72
N MET A 156 -4.85 0.31 16.98
CA MET A 156 -4.76 1.74 17.25
C MET A 156 -3.47 2.36 16.69
N TYR A 157 -2.47 1.50 16.46
CA TYR A 157 -1.19 1.87 15.94
C TYR A 157 -1.05 1.66 14.44
N ASP A 158 -2.07 1.14 13.79
CA ASP A 158 -1.97 0.72 12.39
C ASP A 158 -1.71 1.91 11.48
N THR A 159 -0.75 1.71 10.57
CA THR A 159 -0.38 2.74 9.62
C THR A 159 0.23 2.07 8.40
N THR A 160 0.65 2.90 7.45
CA THR A 160 1.35 2.44 6.26
C THR A 160 2.56 3.35 6.07
N ILE A 161 3.48 2.91 5.24
CA ILE A 161 4.60 3.79 4.88
C ILE A 161 4.06 5.07 4.24
N LYS A 162 3.08 4.95 3.35
CA LYS A 162 2.50 6.10 2.71
C LYS A 162 1.94 7.12 3.69
N GLU A 163 1.19 6.62 4.66
CA GLU A 163 0.54 7.48 5.64
C GLU A 163 1.56 8.10 6.57
N THR A 164 2.59 7.33 6.93
CA THR A 164 3.68 7.85 7.77
C THR A 164 4.45 8.96 7.10
N ARG A 165 4.83 8.73 5.86
CA ARG A 165 5.49 9.76 5.05
C ARG A 165 4.60 11.01 4.96
N ASP A 166 3.31 10.81 4.69
CA ASP A 166 2.41 11.94 4.54
C ASP A 166 2.25 12.75 5.81
N PHE A 167 2.16 12.05 6.95
CA PHE A 167 2.16 12.71 8.24
C PHE A 167 3.37 13.63 8.37
N TRP A 168 4.55 13.08 8.12
CA TRP A 168 5.75 13.89 8.30
C TRP A 168 5.84 15.01 7.25
N ARG A 169 5.41 14.77 6.01
CA ARG A 169 5.36 15.82 5.01
C ARG A 169 4.49 16.98 5.48
N ARG A 170 3.31 16.66 5.97
CA ARG A 170 2.37 17.70 6.38
C ARG A 170 2.88 18.48 7.60
N ILE A 171 3.40 17.76 8.57
CA ILE A 171 3.93 18.36 9.78
C ILE A 171 5.09 19.28 9.45
N THR A 172 6.01 18.80 8.65
CA THR A 172 7.20 19.56 8.39
C THR A 172 6.90 20.85 7.65
N PHE A 173 5.98 20.77 6.69
CA PHE A 173 5.54 21.97 6.00
C PHE A 173 4.85 22.95 6.95
N ARG A 174 3.91 22.46 7.73
CA ARG A 174 3.13 23.34 8.57
C ARG A 174 3.97 24.07 9.60
N TYR A 175 4.95 23.40 10.17
CA TYR A 175 5.72 23.95 11.27
C TYR A 175 7.13 24.41 10.88
N GLN A 176 7.33 24.73 9.60
CA GLN A 176 8.61 25.23 9.16
C GLN A 176 8.97 26.49 9.97
N ASN A 177 10.20 26.53 10.46
CA ASN A 177 10.71 27.74 11.14
CA ASN A 177 10.74 27.69 11.19
C ASN A 177 9.95 28.06 12.45
N VAL A 178 9.48 27.02 13.15
CA VAL A 178 8.79 27.15 14.43
C VAL A 178 9.69 26.56 15.54
N PRO A 179 10.30 27.41 16.37
CA PRO A 179 11.23 26.88 17.37
C PRO A 179 10.56 25.97 18.41
N THR A 180 9.30 26.25 18.71
CA THR A 180 8.56 25.53 19.75
C THR A 180 8.51 24.04 19.46
N VAL A 181 8.42 23.69 18.18
CA VAL A 181 8.32 22.31 17.75
C VAL A 181 9.75 21.85 17.49
N ALA A 182 10.31 21.06 18.43
CA ALA A 182 11.74 20.83 18.44
C ALA A 182 12.16 19.50 17.83
N VAL A 183 11.39 18.44 18.07
CA VAL A 183 11.82 17.08 17.77
C VAL A 183 10.70 16.36 17.04
N TYR A 184 11.07 15.70 15.94
CA TYR A 184 10.17 14.85 15.16
C TYR A 184 10.59 13.40 15.40
N GLU A 185 9.79 12.73 16.25
CA GLU A 185 10.07 11.34 16.65
C GLU A 185 9.36 10.42 15.67
N LEU A 186 10.13 9.87 14.75
CA LEU A 186 9.65 9.33 13.49
C LEU A 186 8.71 8.14 13.63
N PHE A 187 8.98 7.26 14.60
CA PHE A 187 8.20 6.04 14.79
C PHE A 187 8.45 5.57 16.22
N ASN A 188 7.46 5.78 17.09
CA ASN A 188 7.58 5.54 18.54
C ASN A 188 8.36 4.27 18.92
N GLU A 189 7.81 3.10 18.62
CA GLU A 189 8.37 1.84 19.13
C GLU A 189 8.48 0.77 18.05
N PRO A 190 9.65 0.70 17.41
CA PRO A 190 9.91 -0.41 16.51
C PRO A 190 9.95 -1.72 17.28
N THR A 191 9.22 -2.71 16.75
CA THR A 191 9.24 -4.06 17.28
C THR A 191 8.66 -5.02 16.26
N THR A 192 9.19 -6.24 16.22
CA THR A 192 8.56 -7.28 15.43
C THR A 192 7.84 -8.33 16.29
N MET A 193 7.76 -8.10 17.58
CA MET A 193 7.06 -9.02 18.49
C MET A 193 7.58 -10.44 18.29
N GLY A 194 8.87 -10.63 18.46
CA GLY A 194 9.47 -11.94 18.29
C GLY A 194 9.47 -12.41 16.86
N ASN A 195 9.57 -11.47 15.92
CA ASN A 195 9.50 -11.73 14.48
C ASN A 195 8.20 -12.33 14.00
N THR A 196 7.13 -12.14 14.77
CA THR A 196 5.80 -12.45 14.31
C THR A 196 5.24 -11.41 13.35
N LEU A 197 5.81 -10.19 13.36
CA LEU A 197 5.35 -9.11 12.50
C LEU A 197 6.19 -8.94 11.23
N GLY A 198 7.29 -9.68 11.14
CA GLY A 198 8.29 -9.51 10.07
C GLY A 198 9.65 -9.87 10.62
N GLU A 199 10.65 -9.87 9.77
CA GLU A 199 12.02 -10.17 10.21
C GLU A 199 12.70 -8.85 10.58
N ARG A 200 12.99 -8.65 11.84
CA ARG A 200 13.66 -7.41 12.21
C ARG A 200 14.99 -7.36 11.49
N ASN A 201 15.29 -6.20 10.90
CA ASN A 201 16.49 -6.05 10.09
C ASN A 201 16.96 -4.60 10.18
N TRP A 202 18.12 -4.41 10.81
CA TRP A 202 18.61 -3.04 10.99
C TRP A 202 18.82 -2.32 9.67
N ALA A 203 19.42 -2.97 8.68
CA ALA A 203 19.68 -2.24 7.46
C ALA A 203 18.40 -1.70 6.82
N GLU A 204 17.37 -2.52 6.81
CA GLU A 204 16.07 -2.10 6.28
C GLU A 204 15.48 -0.91 7.06
N TRP A 205 15.58 -1.01 8.37
CA TRP A 205 15.02 0.03 9.23
C TRP A 205 15.80 1.34 9.13
N LYS A 206 17.13 1.23 9.16
CA LYS A 206 18.02 2.37 8.96
C LYS A 206 17.70 3.10 7.65
N THR A 207 17.58 2.34 6.56
CA THR A 207 17.28 2.92 5.26
C THR A 207 15.95 3.69 5.26
N LEU A 208 14.94 3.10 5.88
CA LEU A 208 13.64 3.71 5.92
C LEU A 208 13.66 5.02 6.76
N ASN A 209 14.36 4.98 7.90
CA ASN A 209 14.51 6.21 8.65
C ASN A 209 15.24 7.29 7.86
N GLU A 210 16.29 6.91 7.13
CA GLU A 210 17.01 7.86 6.29
C GLU A 210 16.08 8.45 5.21
N SER A 211 15.17 7.66 4.71
CA SER A 211 14.21 8.14 3.72
C SER A 211 13.27 9.17 4.31
N LEU A 212 12.75 8.90 5.50
CA LEU A 212 11.91 9.86 6.18
C LEU A 212 12.70 11.16 6.48
N ILE A 213 13.92 11.01 6.99
CA ILE A 213 14.77 12.17 7.30
C ILE A 213 15.00 13.01 6.05
N ASP A 214 15.24 12.37 4.93
CA ASP A 214 15.50 13.16 3.71
C ASP A 214 14.29 14.00 3.32
N MET A 215 13.08 13.44 3.41
CA MET A 215 11.87 14.20 3.12
C MET A 215 11.70 15.38 4.06
N ILE A 216 11.96 15.13 5.35
CA ILE A 216 11.83 16.15 6.37
C ILE A 216 12.86 17.28 6.14
N TYR A 217 14.12 16.89 5.98
CA TYR A 217 15.20 17.88 5.81
C TYR A 217 15.04 18.71 4.55
N ALA A 218 14.45 18.13 3.50
CA ALA A 218 14.19 18.88 2.28
C ALA A 218 13.22 20.03 2.54
N SER A 219 12.37 19.87 3.55
CA SER A 219 11.33 20.84 3.90
C SER A 219 11.72 21.76 5.06
N ASP A 220 12.47 21.27 6.05
CA ASP A 220 12.94 22.07 7.18
C ASP A 220 14.16 21.41 7.80
N LYS A 221 15.33 21.95 7.52
CA LYS A 221 16.58 21.42 8.01
C LYS A 221 16.82 21.72 9.49
N THR A 222 16.00 22.58 10.10
CA THR A 222 16.24 22.96 11.50
C THR A 222 15.70 21.97 12.52
N VAL A 223 14.85 21.06 12.09
CA VAL A 223 14.21 20.15 13.04
C VAL A 223 15.18 19.05 13.48
N ILE A 224 14.88 18.43 14.62
CA ILE A 224 15.66 17.31 15.12
C ILE A 224 14.89 16.00 14.96
N PRO A 225 15.29 15.15 14.00
CA PRO A 225 14.70 13.81 13.91
C PRO A 225 15.19 12.97 15.08
N LEU A 226 14.29 12.14 15.59
CA LEU A 226 14.60 11.24 16.69
C LEU A 226 14.30 9.81 16.24
N VAL A 227 15.34 8.97 16.24
CA VAL A 227 15.32 7.63 15.65
C VAL A 227 15.42 6.58 16.78
N ALA A 228 14.65 5.50 16.63
CA ALA A 228 14.58 4.43 17.61
C ALA A 228 15.05 3.09 17.03
N GLY A 229 15.57 2.26 17.93
CA GLY A 229 15.91 0.90 17.62
C GLY A 229 14.80 -0.10 18.00
N PHE A 230 15.16 -1.36 17.87
CA PHE A 230 14.24 -2.49 18.10
C PHE A 230 14.01 -2.76 19.57
N ASN A 231 13.22 -3.80 19.83
CA ASN A 231 12.78 -4.16 21.18
C ASN A 231 12.05 -2.99 21.83
N TRP A 232 11.10 -2.42 21.10
CA TRP A 232 10.29 -1.31 21.56
C TRP A 232 11.15 -0.10 21.93
N ALA A 233 11.99 0.34 20.98
CA ALA A 233 12.85 1.50 21.15
C ALA A 233 13.76 1.33 22.35
N TYR A 234 14.36 0.17 22.47
CA TYR A 234 15.28 -0.11 23.57
C TYR A 234 16.72 -0.35 23.14
N ASP A 235 16.93 -0.98 21.99
CA ASP A 235 18.27 -1.39 21.58
C ASP A 235 18.86 -0.45 20.51
N LEU A 236 19.77 0.41 20.95
CA LEU A 236 20.49 1.30 20.04
C LEU A 236 21.83 0.72 19.59
N SER A 237 22.22 -0.45 20.09
CA SER A 237 23.55 -0.97 19.79
C SER A 237 23.91 -1.05 18.31
N PRO A 238 22.95 -1.31 17.39
CA PRO A 238 23.37 -1.35 15.97
C PRO A 238 24.00 -0.06 15.42
N ILE A 239 23.79 1.07 16.08
CA ILE A 239 24.32 2.34 15.58
C ILE A 239 25.82 2.47 15.73
N LYS A 240 26.48 1.58 16.47
CA LYS A 240 27.94 1.72 16.62
C LYS A 240 28.60 1.62 15.26
N LYS A 241 28.25 0.60 14.50
CA LYS A 241 28.84 0.47 13.16
C LYS A 241 27.92 0.82 12.02
N ALA A 242 26.63 0.96 12.30
CA ALA A 242 25.67 1.34 11.25
C ALA A 242 24.74 2.46 11.70
N PRO A 243 25.32 3.60 12.11
CA PRO A 243 24.49 4.72 12.51
C PRO A 243 23.71 5.30 11.33
N ILE A 244 22.65 6.03 11.61
CA ILE A 244 21.98 6.80 10.58
C ILE A 244 22.99 7.78 9.97
N GLU A 245 23.08 7.80 8.65
CA GLU A 245 24.12 8.58 7.96
C GLU A 245 23.64 9.99 7.63
N ARG A 246 23.18 10.72 8.65
CA ARG A 246 22.72 12.07 8.49
C ARG A 246 23.17 12.84 9.74
N GLU A 247 23.39 14.13 9.60
CA GLU A 247 23.70 15.01 10.70
C GLU A 247 22.43 15.42 11.43
N GLY A 248 22.59 15.83 12.68
CA GLY A 248 21.54 16.46 13.45
C GLY A 248 20.47 15.55 14.00
N ILE A 249 20.83 14.27 14.17
CA ILE A 249 19.95 13.18 14.60
C ILE A 249 20.13 12.94 16.09
N ALA A 250 19.02 12.73 16.80
CA ALA A 250 19.06 12.23 18.15
C ALA A 250 18.47 10.82 18.15
N TYR A 251 18.80 10.04 19.19
CA TYR A 251 18.28 8.69 19.31
C TYR A 251 17.38 8.55 20.54
N ALA A 252 16.31 7.77 20.37
CA ALA A 252 15.32 7.49 21.42
C ALA A 252 15.72 6.24 22.18
N ALA A 253 15.35 6.19 23.45
CA ALA A 253 15.40 4.99 24.25
C ALA A 253 14.19 5.00 25.17
N HIS A 254 13.64 3.81 25.43
CA HIS A 254 12.48 3.64 26.31
C HIS A 254 12.83 2.68 27.45
N PRO A 255 13.62 3.17 28.41
CA PRO A 255 14.15 2.28 29.40
C PRO A 255 13.19 2.05 30.60
N TYR A 256 12.08 1.37 30.33
CA TYR A 256 11.21 0.95 31.41
CA TYR A 256 11.18 0.89 31.40
C TYR A 256 11.94 -0.01 32.37
N PRO A 257 11.44 -0.13 33.61
CA PRO A 257 12.22 -0.82 34.63
C PRO A 257 12.58 -2.27 34.38
N GLN A 258 11.70 -2.99 33.68
CA GLN A 258 11.89 -4.43 33.47
C GLN A 258 12.49 -4.75 32.10
N LYS A 259 12.91 -3.73 31.34
CA LYS A 259 13.63 -4.01 30.10
C LYS A 259 14.98 -4.68 30.36
N ALA A 260 15.75 -4.10 31.27
CA ALA A 260 16.99 -4.75 31.73
C ALA A 260 16.62 -5.73 32.84
N LYS A 261 17.24 -6.90 32.83
CA LYS A 261 16.91 -7.99 33.74
C LYS A 261 18.17 -8.53 34.41
N PRO A 262 18.81 -7.69 35.26
CA PRO A 262 19.95 -8.23 36.00
C PRO A 262 19.52 -9.30 36.98
N GLU A 263 20.38 -10.27 37.20
CA GLU A 263 20.10 -11.33 38.15
C GLU A 263 20.12 -10.81 39.57
N VAL A 264 21.01 -9.87 39.83
CA VAL A 264 21.07 -9.21 41.10
C VAL A 264 20.76 -7.72 40.87
N LYS A 265 19.69 -7.24 41.51
CA LYS A 265 19.25 -5.87 41.38
C LYS A 265 20.07 -4.97 42.30
N ASN A 266 20.91 -4.14 41.67
CA ASN A 266 21.69 -3.11 42.33
C ASN A 266 22.00 -2.04 41.30
N ASP A 267 22.59 -0.94 41.74
CA ASP A 267 22.89 0.15 40.79
C ASP A 267 23.85 -0.29 39.70
N LYS A 268 24.94 -0.96 40.07
CA LYS A 268 25.98 -1.31 39.10
C LYS A 268 25.39 -2.11 37.95
N ASN A 269 24.56 -3.09 38.27
CA ASN A 269 24.09 -4.03 37.27
C ASN A 269 23.06 -3.40 36.33
N PHE A 270 22.18 -2.57 36.87
CA PHE A 270 21.27 -1.81 35.99
C PHE A 270 22.04 -0.81 35.12
N PHE A 271 22.98 -0.08 35.70
CA PHE A 271 23.70 0.92 34.92
C PHE A 271 24.46 0.25 33.79
N LYS A 272 25.07 -0.91 34.05
CA LYS A 272 25.83 -1.59 33.04
C LYS A 272 24.92 -2.06 31.88
N LEU A 273 23.80 -2.68 32.23
CA LEU A 273 22.88 -3.14 31.21
C LEU A 273 22.30 -1.97 30.40
N TRP A 274 21.95 -0.89 31.09
CA TRP A 274 21.46 0.29 30.39
C TRP A 274 22.51 0.86 29.44
N ASP A 275 23.76 0.91 29.90
CA ASP A 275 24.93 1.36 29.11
CA ASP A 275 24.78 1.47 29.04
C ASP A 275 25.01 0.58 27.83
N GLU A 276 24.92 -0.74 28.01
CA GLU A 276 25.16 -1.66 26.91
C GLU A 276 24.17 -1.49 25.77
N LYS A 277 22.89 -1.40 26.11
CA LYS A 277 21.86 -1.40 25.09
C LYS A 277 21.54 -0.04 24.53
N TRP A 278 21.65 1.02 25.34
CA TRP A 278 21.26 2.35 24.84
C TRP A 278 22.10 3.51 25.34
N GLY A 279 22.51 3.47 26.61
CA GLY A 279 23.15 4.62 27.19
C GLY A 279 24.47 5.02 26.54
N PHE A 280 25.20 4.06 25.98
CA PHE A 280 26.43 4.33 25.29
C PHE A 280 26.20 5.36 24.19
N ALA A 281 25.00 5.39 23.62
CA ALA A 281 24.74 6.29 22.49
C ALA A 281 24.96 7.74 22.87
N ALA A 282 24.70 8.08 24.13
CA ALA A 282 24.81 9.46 24.60
C ALA A 282 26.25 9.96 24.65
N ASP A 283 27.23 9.07 24.49
CA ASP A 283 28.62 9.48 24.40
C ASP A 283 28.90 10.16 23.06
N THR A 284 28.07 9.89 22.05
CA THR A 284 28.29 10.32 20.68
C THR A 284 27.18 11.20 20.09
N TYR A 285 25.94 10.90 20.49
CA TYR A 285 24.75 11.55 19.96
C TYR A 285 23.88 11.97 21.13
N PRO A 286 23.02 12.97 20.92
CA PRO A 286 22.03 13.26 21.95
C PRO A 286 21.00 12.14 22.02
N VAL A 287 20.56 11.84 23.23
CA VAL A 287 19.56 10.80 23.47
C VAL A 287 18.40 11.38 24.25
N ILE A 288 17.19 11.01 23.85
CA ILE A 288 16.01 11.35 24.62
C ILE A 288 15.29 10.06 25.02
N ALA A 289 15.16 9.88 26.33
CA ALA A 289 14.37 8.79 26.86
C ALA A 289 12.91 9.22 26.81
N THR A 290 12.28 9.01 25.64
CA THR A 290 10.95 9.58 25.42
C THR A 290 9.79 8.84 26.08
N GLN A 291 10.08 7.67 26.64
CA GLN A 291 9.18 6.99 27.58
C GLN A 291 10.03 6.33 28.61
N LEU A 292 9.59 6.48 29.85
CA LEU A 292 10.15 5.84 31.04
C LEU A 292 9.11 5.99 32.13
N GLY A 293 9.25 5.26 33.21
CA GLY A 293 8.35 5.34 34.34
C GLY A 293 8.00 3.98 34.91
N TRP A 294 7.24 3.97 35.99
CA TRP A 294 6.86 2.72 36.62
C TRP A 294 5.58 2.86 37.42
N VAL A 295 5.03 1.71 37.74
CA VAL A 295 3.99 1.59 38.76
C VAL A 295 4.30 0.37 39.62
N GLN A 296 3.82 0.38 40.86
CA GLN A 296 3.90 -0.76 41.75
C GLN A 296 3.33 -1.99 41.06
N PRO A 297 3.83 -3.18 41.44
CA PRO A 297 3.39 -4.38 40.72
C PRO A 297 1.93 -4.74 40.89
N ASP A 298 1.31 -4.23 41.94
CA ASP A 298 -0.10 -4.43 42.23
C ASP A 298 -0.91 -3.16 41.96
N GLY A 299 -0.29 -2.22 41.25
CA GLY A 299 -0.88 -0.89 41.10
C GLY A 299 -1.74 -0.76 39.88
N TYR A 300 -2.24 0.47 39.70
CA TYR A 300 -3.14 0.81 38.62
C TYR A 300 -2.51 0.52 37.24
N GLY A 301 -3.16 -0.34 36.50
CA GLY A 301 -2.71 -0.70 35.18
C GLY A 301 -1.39 -1.42 35.08
N ALA A 302 -0.93 -2.04 36.17
CA ALA A 302 0.39 -2.66 36.19
C ALA A 302 0.56 -3.81 35.20
N HIS A 303 1.67 -3.81 34.49
CA HIS A 303 1.98 -4.79 33.48
C HIS A 303 3.49 -4.76 33.22
N ILE A 304 4.06 -5.88 32.76
CA ILE A 304 5.46 -5.89 32.26
C ILE A 304 5.46 -5.01 31.01
N PRO A 305 6.46 -4.12 30.84
CA PRO A 305 7.70 -4.02 31.60
C PRO A 305 7.77 -2.84 32.57
N VAL A 306 6.64 -2.36 33.10
CA VAL A 306 6.61 -1.14 33.89
C VAL A 306 6.45 -1.36 35.40
N LYS A 307 6.51 -2.60 35.86
CA LYS A 307 6.35 -2.90 37.28
C LYS A 307 7.63 -2.70 38.04
N ASP A 308 7.58 -2.05 39.19
CA ASP A 308 8.76 -1.82 40.01
C ASP A 308 8.33 -1.41 41.40
N ASP A 309 9.21 -1.64 42.39
CA ASP A 309 8.96 -1.22 43.76
C ASP A 309 9.25 0.26 44.06
N GLY A 310 9.80 0.96 43.07
CA GLY A 310 10.16 2.36 43.22
C GLY A 310 11.63 2.64 43.21
N SER A 311 12.46 1.62 43.48
CA SER A 311 13.91 1.82 43.44
C SER A 311 14.42 2.23 42.06
N TYR A 312 13.67 1.88 41.02
CA TYR A 312 14.02 2.31 39.68
C TYR A 312 14.09 3.81 39.50
N GLY A 313 13.21 4.57 40.18
CA GLY A 313 13.18 6.00 39.94
C GLY A 313 14.54 6.65 40.19
N PRO A 314 15.06 6.49 41.42
CA PRO A 314 16.35 7.10 41.70
C PRO A 314 17.46 6.57 40.79
N ARG A 315 17.38 5.29 40.45
CA ARG A 315 18.40 4.70 39.58
C ARG A 315 18.41 5.32 38.19
N ILE A 316 17.25 5.39 37.55
CA ILE A 316 17.20 5.89 36.18
C ILE A 316 17.54 7.39 36.13
N VAL A 317 17.11 8.15 37.16
CA VAL A 317 17.46 9.55 37.21
C VAL A 317 18.97 9.76 37.43
N LYS A 318 19.58 9.01 38.34
CA LYS A 318 21.02 9.09 38.57
C LYS A 318 21.78 8.77 37.29
N TYR A 319 21.36 7.70 36.63
CA TYR A 319 22.01 7.30 35.38
C TYR A 319 21.84 8.36 34.29
N MET A 320 20.62 8.83 34.05
CA MET A 320 20.44 9.83 33.01
C MET A 320 21.21 11.11 33.32
N GLN A 321 21.23 11.51 34.58
CA GLN A 321 21.88 12.77 34.94
C GLN A 321 23.39 12.66 34.72
N LYS A 322 23.98 11.50 35.01
CA LYS A 322 25.40 11.24 34.73
C LYS A 322 25.72 11.35 33.24
N LYS A 323 24.83 10.83 32.41
CA LYS A 323 25.01 10.75 30.96
C LYS A 323 24.54 12.03 30.25
N GLY A 324 23.82 12.92 30.95
CA GLY A 324 23.21 14.09 30.36
C GLY A 324 22.03 13.83 29.45
N VAL A 325 21.33 12.71 29.67
CA VAL A 325 20.24 12.24 28.83
C VAL A 325 18.96 13.04 29.11
N SER A 326 18.26 13.41 28.03
CA SER A 326 16.97 14.08 28.10
C SER A 326 15.86 13.04 28.30
N TYR A 327 14.69 13.48 28.75
CA TYR A 327 13.62 12.54 29.04
C TYR A 327 12.24 13.16 29.07
N THR A 328 11.25 12.33 28.72
CA THR A 328 9.85 12.65 28.92
C THR A 328 9.14 11.45 29.52
N VAL A 329 8.67 11.60 30.77
CA VAL A 329 8.08 10.52 31.52
C VAL A 329 6.73 10.14 30.88
N TRP A 330 6.40 8.85 30.93
CA TRP A 330 5.11 8.33 30.49
C TRP A 330 4.31 7.94 31.74
N VAL A 331 3.10 8.47 31.96
CA VAL A 331 2.41 9.49 31.14
C VAL A 331 1.59 10.38 32.08
N PHE A 332 1.50 11.67 31.76
CA PHE A 332 0.76 12.63 32.56
C PHE A 332 -0.70 12.58 32.13
N ASP A 333 -1.39 11.56 32.65
CA ASP A 333 -2.76 11.24 32.37
C ASP A 333 -3.25 10.37 33.51
N PRO A 334 -4.54 10.50 33.92
CA PRO A 334 -5.05 9.63 34.98
C PRO A 334 -5.58 8.27 34.51
N ASP A 335 -5.70 8.07 33.21
CA ASP A 335 -6.29 6.86 32.65
C ASP A 335 -5.26 5.93 32.02
N TRP A 336 -4.38 6.46 31.20
CA TRP A 336 -3.34 5.69 30.55
C TRP A 336 -2.20 5.46 31.53
N SER A 337 -1.66 4.25 31.53
CA SER A 337 -0.72 3.83 32.57
C SER A 337 0.67 3.51 31.99
N PRO A 338 1.72 3.57 32.82
CA PRO A 338 1.70 4.02 34.21
C PRO A 338 1.39 5.53 34.31
N THR A 339 0.47 5.88 35.20
CA THR A 339 0.05 7.26 35.36
C THR A 339 1.04 8.08 36.18
N MET A 340 1.06 9.41 35.95
CA MET A 340 1.72 10.36 36.83
C MET A 340 0.78 11.04 37.80
N ILE A 341 -0.50 10.93 37.52
CA ILE A 341 -1.53 11.60 38.30
C ILE A 341 -2.72 10.67 38.49
N ASN A 342 -3.45 10.86 39.58
CA ASN A 342 -4.59 10.00 39.89
C ASN A 342 -5.91 10.57 39.41
N ASP A 343 -5.90 11.87 39.09
CA ASP A 343 -7.11 12.60 38.73
CA ASP A 343 -7.12 12.65 38.84
C ASP A 343 -6.77 13.88 38.00
N TRP A 344 -7.77 14.56 37.44
CA TRP A 344 -7.52 15.81 36.73
C TRP A 344 -7.33 17.03 37.63
N ASP A 345 -7.38 16.82 38.95
CA ASP A 345 -6.84 17.80 39.91
C ASP A 345 -5.32 17.67 40.13
N PHE A 346 -4.70 16.75 39.40
CA PHE A 346 -3.25 16.60 39.34
C PHE A 346 -2.66 16.00 40.62
N THR A 347 -3.47 15.28 41.39
CA THR A 347 -2.93 14.59 42.57
C THR A 347 -1.88 13.57 42.06
N PRO A 348 -0.64 13.65 42.56
CA PRO A 348 0.39 12.78 41.96
C PRO A 348 0.25 11.32 42.34
N SER A 349 0.61 10.45 41.41
CA SER A 349 0.85 9.04 41.71
C SER A 349 2.26 8.92 42.30
N GLU A 350 2.65 7.71 42.68
CA GLU A 350 3.98 7.52 43.23
C GLU A 350 5.04 8.05 42.24
N GLN A 351 5.01 7.58 40.99
CA GLN A 351 6.05 8.05 40.06
C GLN A 351 5.88 9.53 39.75
N GLY A 352 4.64 10.02 39.72
CA GLY A 352 4.43 11.42 39.47
C GLY A 352 5.08 12.33 40.49
N ALA A 353 4.89 12.02 41.78
CA ALA A 353 5.49 12.83 42.83
C ALA A 353 7.02 12.76 42.73
N PHE A 354 7.54 11.57 42.45
CA PHE A 354 8.98 11.38 42.36
C PHE A 354 9.54 12.29 41.23
N PHE A 355 8.98 12.18 40.03
CA PHE A 355 9.53 12.91 38.92
C PHE A 355 9.26 14.41 39.02
N LYS A 356 8.15 14.76 39.66
CA LYS A 356 7.84 16.16 39.85
C LYS A 356 8.97 16.85 40.64
N GLN A 357 9.38 16.21 41.75
CA GLN A 357 10.46 16.75 42.56
C GLN A 357 11.76 16.84 41.78
N VAL A 358 12.08 15.80 41.02
CA VAL A 358 13.28 15.78 40.19
C VAL A 358 13.29 16.93 39.19
N MET A 359 12.16 17.10 38.49
CA MET A 359 12.10 18.13 37.45
C MET A 359 12.10 19.53 38.04
N LEU A 360 11.40 19.72 39.15
CA LEU A 360 11.43 21.04 39.79
C LEU A 360 12.85 21.41 40.26
N GLU A 361 13.57 20.43 40.79
CA GLU A 361 14.93 20.69 41.23
C GLU A 361 15.86 20.99 40.06
N ALA A 362 15.68 20.27 38.96
CA ALA A 362 16.53 20.43 37.77
C ALA A 362 16.30 21.78 37.10
N LYS A 363 15.08 22.30 37.20
CA LYS A 363 14.74 23.57 36.58
C LYS A 363 15.44 24.73 37.29
N LYS A 364 15.62 24.58 38.60
CA LYS A 364 16.32 25.56 39.41
C LYS A 364 17.81 25.57 39.06
N ASP B 30 -24.92 -9.44 -4.00
CA ASP B 30 -23.86 -10.33 -3.43
C ASP B 30 -22.56 -10.23 -4.21
N TRP B 31 -21.45 -10.24 -3.49
CA TRP B 31 -20.16 -9.96 -4.14
C TRP B 31 -19.76 -11.00 -5.18
N TRP B 32 -20.22 -12.26 -5.06
CA TRP B 32 -19.83 -13.28 -6.02
C TRP B 32 -20.61 -13.15 -7.32
N ASP B 33 -21.62 -12.27 -7.34
CA ASP B 33 -22.41 -12.00 -8.56
C ASP B 33 -21.94 -10.76 -9.34
N ILE B 34 -20.93 -10.07 -8.82
CA ILE B 34 -20.39 -8.89 -9.52
C ILE B 34 -19.81 -9.33 -10.87
N PRO B 35 -20.29 -8.72 -11.98
CA PRO B 35 -19.81 -9.27 -13.26
C PRO B 35 -18.36 -8.96 -13.61
N TYR B 36 -17.78 -9.79 -14.47
CA TYR B 36 -16.52 -9.51 -15.10
C TYR B 36 -16.69 -8.37 -16.11
N PRO B 37 -15.60 -7.61 -16.35
CA PRO B 37 -15.68 -6.45 -17.22
C PRO B 37 -15.81 -6.77 -18.71
N SER B 38 -16.30 -5.80 -19.47
CA SER B 38 -16.45 -5.94 -20.91
C SER B 38 -15.49 -5.00 -21.66
N GLN B 39 -15.29 -5.28 -22.93
CA GLN B 39 -14.45 -4.48 -23.83
C GLN B 39 -15.29 -3.63 -24.74
N PHE B 40 -14.77 -2.45 -25.05
CA PHE B 40 -15.42 -1.53 -25.94
C PHE B 40 -15.72 -2.20 -27.27
N ASP B 41 -16.92 -1.95 -27.81
CA ASP B 41 -17.33 -2.55 -29.07
C ASP B 41 -16.68 -1.86 -30.27
N VAL B 42 -15.63 -2.47 -30.80
CA VAL B 42 -14.85 -1.82 -31.88
C VAL B 42 -15.67 -1.67 -33.17
N LYS B 43 -16.69 -2.51 -33.34
CA LYS B 43 -17.56 -2.45 -34.53
C LYS B 43 -18.45 -1.21 -34.53
N SER B 44 -18.60 -0.56 -33.37
CA SER B 44 -19.38 0.68 -33.28
C SER B 44 -18.65 1.88 -33.87
N LEU B 45 -17.39 1.73 -34.26
CA LEU B 45 -16.57 2.87 -34.72
C LEU B 45 -16.47 2.99 -36.24
N LYS B 46 -16.42 4.23 -36.70
CA LYS B 46 -16.07 4.54 -38.08
C LYS B 46 -14.59 4.26 -38.30
N THR B 47 -14.22 4.03 -39.54
CA THR B 47 -12.81 3.84 -39.92
C THR B 47 -11.97 5.01 -39.41
N GLN B 48 -10.83 4.68 -38.80
CA GLN B 48 -9.91 5.66 -38.31
C GLN B 48 -8.55 4.99 -38.19
N SER B 49 -7.51 5.62 -38.70
CA SER B 49 -6.19 5.03 -38.69
C SER B 49 -5.64 4.91 -37.27
N PHE B 50 -5.03 3.78 -36.98
CA PHE B 50 -4.10 3.70 -35.86
C PHE B 50 -2.92 4.63 -36.09
N ILE B 51 -2.45 5.22 -35.01
CA ILE B 51 -1.19 5.94 -35.02
C ILE B 51 -0.17 5.03 -34.37
N SER B 52 1.02 4.97 -34.94
CA SER B 52 2.10 4.16 -34.40
CA SER B 52 2.12 4.14 -34.48
C SER B 52 3.40 4.97 -34.33
N VAL B 53 4.37 4.44 -33.60
CA VAL B 53 5.71 5.02 -33.50
C VAL B 53 6.65 4.34 -34.48
N LYS B 54 7.40 5.14 -35.23
CA LYS B 54 8.50 4.65 -36.08
C LYS B 54 9.69 5.59 -35.90
N GLY B 55 10.74 5.10 -35.26
CA GLY B 55 11.87 5.95 -34.97
C GLY B 55 11.45 7.13 -34.12
N ASN B 56 11.81 8.32 -34.55
CA ASN B 56 11.47 9.56 -33.83
C ASN B 56 10.14 10.18 -34.24
N LYS B 57 9.34 9.44 -35.00
CA LYS B 57 8.09 9.96 -35.51
C LYS B 57 6.86 9.16 -35.13
N PHE B 58 5.70 9.84 -35.12
CA PHE B 58 4.42 9.15 -35.21
C PHE B 58 4.09 9.01 -36.69
N ILE B 59 3.46 7.88 -37.04
CA ILE B 59 2.98 7.63 -38.40
C ILE B 59 1.58 7.09 -38.40
N ASP B 60 0.86 7.31 -39.48
CA ASP B 60 -0.46 6.69 -39.68
C ASP B 60 -0.30 5.37 -40.42
N ASP B 61 -1.44 4.75 -40.76
CA ASP B 61 -1.41 3.40 -41.35
C ASP B 61 -1.04 3.40 -42.83
N LYS B 62 -0.77 4.57 -43.38
CA LYS B 62 -0.18 4.69 -44.73
C LYS B 62 1.31 5.06 -44.67
N GLY B 63 1.86 5.08 -43.46
CA GLY B 63 3.27 5.38 -43.25
C GLY B 63 3.61 6.86 -43.29
N LYS B 64 2.61 7.72 -43.28
CA LYS B 64 2.85 9.15 -43.36
C LYS B 64 3.04 9.73 -41.96
N THR B 65 3.99 10.65 -41.85
CA THR B 65 4.28 11.34 -40.59
C THR B 65 3.03 12.04 -40.10
N PHE B 66 2.78 11.89 -38.80
CA PHE B 66 1.59 12.40 -38.13
C PHE B 66 2.03 13.20 -36.91
N THR B 67 1.34 14.29 -36.62
CA THR B 67 1.56 14.99 -35.34
C THR B 67 0.23 15.20 -34.62
N PHE B 68 0.27 15.00 -33.30
CA PHE B 68 -0.88 15.35 -32.45
C PHE B 68 -0.84 16.86 -32.24
N ARG B 69 -2.00 17.49 -32.46
CA ARG B 69 -2.15 18.94 -32.32
CA ARG B 69 -2.15 18.93 -32.31
C ARG B 69 -3.52 19.21 -31.70
N GLY B 70 -3.55 19.73 -30.49
CA GLY B 70 -4.84 19.96 -29.90
C GLY B 70 -4.77 20.56 -28.53
N VAL B 71 -5.72 20.17 -27.67
CA VAL B 71 -5.91 20.78 -26.37
C VAL B 71 -6.23 19.77 -25.30
N ASN B 72 -5.96 20.16 -24.05
CA ASN B 72 -6.58 19.57 -22.90
C ASN B 72 -7.95 20.15 -22.71
N ILE B 73 -8.87 19.31 -22.24
CA ILE B 73 -10.10 19.78 -21.58
C ILE B 73 -9.99 19.41 -20.11
N ALA B 74 -10.94 19.85 -19.31
CA ALA B 74 -10.91 19.54 -17.88
C ALA B 74 -11.30 18.08 -17.64
N ASP B 75 -11.09 17.62 -16.42
CA ASP B 75 -11.51 16.32 -15.97
C ASP B 75 -13.00 16.13 -16.23
N THR B 76 -13.35 14.92 -16.64
CA THR B 76 -14.74 14.57 -17.00
C THR B 76 -15.72 14.94 -15.89
N GLY B 77 -15.36 14.62 -14.64
CA GLY B 77 -16.22 14.93 -13.51
C GLY B 77 -16.46 16.41 -13.32
N LYS B 78 -15.42 17.20 -13.51
CA LYS B 78 -15.56 18.64 -13.43
C LYS B 78 -16.58 19.12 -14.47
N LEU B 79 -16.43 18.62 -15.69
CA LEU B 79 -17.31 19.03 -16.80
C LEU B 79 -18.77 18.57 -16.56
N LEU B 80 -18.94 17.34 -16.10
CA LEU B 80 -20.27 16.81 -15.80
C LEU B 80 -21.00 17.65 -14.76
N SER B 81 -20.28 18.13 -13.75
CA SER B 81 -20.87 18.84 -12.65
C SER B 81 -21.61 20.11 -13.10
N ARG B 82 -21.17 20.71 -14.22
CA ARG B 82 -21.85 21.88 -14.80
C ARG B 82 -22.48 21.59 -16.17
N ASN B 83 -22.71 20.31 -16.46
CA ASN B 83 -23.42 19.90 -17.69
C ASN B 83 -22.68 20.32 -18.97
N GLN B 84 -21.35 20.28 -18.91
CA GLN B 84 -20.51 20.66 -20.02
C GLN B 84 -19.82 19.46 -20.67
N TRP B 85 -20.09 18.25 -20.17
CA TRP B 85 -19.56 17.03 -20.78
C TRP B 85 -20.57 16.63 -21.87
N GLN B 86 -20.28 17.03 -23.09
CA GLN B 86 -21.17 16.76 -24.21
CA GLN B 86 -21.21 16.93 -24.23
C GLN B 86 -20.43 16.85 -25.53
N LYS B 87 -20.96 16.15 -26.52
CA LYS B 87 -20.35 16.09 -27.83
C LYS B 87 -20.10 17.48 -28.42
N SER B 88 -20.96 18.44 -28.13
CA SER B 88 -20.80 19.78 -28.68
C SER B 88 -19.44 20.40 -28.34
N LEU B 89 -18.86 20.00 -27.22
CA LEU B 89 -17.54 20.50 -26.83
C LEU B 89 -16.48 20.03 -27.84
N PHE B 90 -16.56 18.73 -28.15
CA PHE B 90 -15.64 18.12 -29.11
C PHE B 90 -15.86 18.71 -30.52
N GLU B 91 -17.12 18.93 -30.88
CA GLU B 91 -17.45 19.54 -32.16
C GLU B 91 -16.90 20.95 -32.29
N GLU B 92 -17.06 21.75 -31.26
CA GLU B 92 -16.43 23.08 -31.25
C GLU B 92 -14.92 23.02 -31.53
N LEU B 93 -14.23 22.13 -30.83
CA LEU B 93 -12.81 22.01 -30.96
C LEU B 93 -12.38 21.54 -32.35
N ALA B 94 -13.03 20.48 -32.82
CA ALA B 94 -12.70 19.92 -34.12
C ALA B 94 -13.02 20.86 -35.29
N ASN B 95 -14.16 21.51 -35.21
CA ASN B 95 -14.65 22.34 -36.31
C ASN B 95 -14.12 23.75 -36.31
N ASN B 96 -13.91 24.34 -35.12
CA ASN B 96 -13.56 25.75 -35.02
C ASN B 96 -12.18 26.06 -34.48
N TRP B 97 -11.50 25.07 -33.87
CA TRP B 97 -10.20 25.30 -33.28
C TRP B 97 -9.06 24.51 -33.91
N GLY B 98 -9.35 23.71 -34.92
CA GLY B 98 -8.30 23.06 -35.69
C GLY B 98 -7.65 21.87 -35.04
N VAL B 99 -8.27 21.31 -34.00
CA VAL B 99 -7.60 20.23 -33.30
C VAL B 99 -7.74 18.90 -34.03
N ASN B 100 -6.73 18.04 -33.87
CA ASN B 100 -6.90 16.65 -34.19
C ASN B 100 -6.83 15.74 -32.97
N THR B 101 -6.65 16.31 -31.79
CA THR B 101 -6.42 15.56 -30.56
C THR B 101 -7.01 16.30 -29.36
N ILE B 102 -7.58 15.53 -28.44
CA ILE B 102 -7.97 16.02 -27.14
C ILE B 102 -7.30 15.17 -26.07
N ARG B 103 -6.68 15.83 -25.08
CA ARG B 103 -6.12 15.17 -23.92
C ARG B 103 -7.11 15.25 -22.78
N LEU B 104 -7.39 14.08 -22.18
CA LEU B 104 -8.32 13.97 -21.05
CA LEU B 104 -8.31 14.00 -21.05
C LEU B 104 -7.51 13.77 -19.76
N PRO B 105 -7.48 14.78 -18.86
CA PRO B 105 -6.69 14.67 -17.63
C PRO B 105 -7.51 14.04 -16.51
N ILE B 106 -7.39 12.73 -16.38
CA ILE B 106 -8.22 11.95 -15.48
C ILE B 106 -7.60 12.08 -14.10
N HIS B 107 -8.26 12.82 -13.22
CA HIS B 107 -7.73 13.03 -11.88
C HIS B 107 -8.09 11.86 -10.98
N PRO B 108 -7.11 11.32 -10.23
CA PRO B 108 -7.42 10.19 -9.35
C PRO B 108 -8.59 10.44 -8.41
N VAL B 109 -8.71 11.63 -7.85
CA VAL B 109 -9.83 11.86 -6.92
C VAL B 109 -11.18 11.73 -7.61
N SER B 110 -11.21 12.07 -8.89
CA SER B 110 -12.44 12.01 -9.69
C SER B 110 -12.75 10.58 -10.13
N TRP B 111 -11.71 9.86 -10.54
CA TRP B 111 -11.79 8.42 -10.80
C TRP B 111 -12.47 7.75 -9.59
N ARG B 112 -12.04 8.09 -8.37
CA ARG B 112 -12.67 7.52 -7.18
C ARG B 112 -14.08 8.05 -6.95
N LYS B 113 -14.29 9.34 -7.15
CA LYS B 113 -15.59 9.92 -6.84
C LYS B 113 -16.71 9.40 -7.75
N LEU B 114 -16.48 9.43 -9.06
CA LEU B 114 -17.44 8.82 -10.00
C LEU B 114 -17.43 7.30 -9.88
N GLY B 115 -16.27 6.73 -9.62
CA GLY B 115 -16.05 5.30 -9.62
C GLY B 115 -15.60 4.81 -10.99
N PRO B 116 -14.74 3.78 -11.01
CA PRO B 116 -14.24 3.31 -12.29
C PRO B 116 -15.33 3.00 -13.32
N ASP B 117 -16.37 2.30 -12.90
CA ASP B 117 -17.40 1.83 -13.85
C ASP B 117 -18.05 3.00 -14.58
N VAL B 118 -18.45 4.00 -13.80
CA VAL B 118 -19.07 5.22 -14.34
C VAL B 118 -18.09 6.05 -15.15
N TYR B 119 -16.87 6.21 -14.66
CA TYR B 119 -15.89 7.02 -15.36
C TYR B 119 -15.61 6.39 -16.74
N LEU B 120 -15.44 5.07 -16.79
CA LEU B 120 -15.22 4.39 -18.05
C LEU B 120 -16.40 4.54 -19.01
N GLY B 121 -17.62 4.55 -18.48
CA GLY B 121 -18.77 4.80 -19.33
C GLY B 121 -18.70 6.18 -20.00
N HIS B 122 -18.19 7.17 -19.27
CA HIS B 122 -18.02 8.51 -19.85
C HIS B 122 -16.87 8.56 -20.83
N ILE B 123 -15.77 7.85 -20.54
CA ILE B 123 -14.70 7.80 -21.52
C ILE B 123 -15.20 7.14 -22.83
N ASP B 124 -16.08 6.16 -22.69
CA ASP B 124 -16.71 5.55 -23.88
C ASP B 124 -17.40 6.60 -24.77
N GLU B 125 -18.09 7.54 -24.13
CA GLU B 125 -18.74 8.65 -24.85
C GLU B 125 -17.70 9.46 -25.62
N ALA B 126 -16.60 9.82 -24.95
CA ALA B 126 -15.54 10.58 -25.59
C ALA B 126 -14.95 9.84 -26.79
N VAL B 127 -14.76 8.52 -26.65
CA VAL B 127 -14.26 7.72 -27.77
C VAL B 127 -15.21 7.81 -28.96
N ARG B 128 -16.51 7.65 -28.70
CA ARG B 128 -17.47 7.72 -29.80
C ARG B 128 -17.50 9.12 -30.42
N TRP B 129 -17.48 10.16 -29.59
CA TRP B 129 -17.50 11.53 -30.10
C TRP B 129 -16.25 11.81 -30.96
N ALA B 130 -15.08 11.49 -30.42
CA ALA B 130 -13.84 11.74 -31.11
C ALA B 130 -13.78 10.97 -32.41
N ASN B 131 -14.13 9.69 -32.35
CA ASN B 131 -14.11 8.88 -33.54
C ASN B 131 -15.03 9.41 -34.62
N ASP B 132 -16.20 9.92 -34.22
CA ASP B 132 -17.15 10.45 -35.20
C ASP B 132 -16.57 11.66 -35.92
N LEU B 133 -15.75 12.45 -35.21
CA LEU B 133 -15.11 13.64 -35.76
C LEU B 133 -13.75 13.36 -36.37
N GLY B 134 -13.28 12.12 -36.27
CA GLY B 134 -11.98 11.77 -36.80
C GLY B 134 -10.79 12.26 -36.01
N ILE B 135 -10.99 12.60 -34.73
CA ILE B 135 -9.93 13.09 -33.86
C ILE B 135 -9.51 12.01 -32.85
N TYR B 136 -8.36 12.22 -32.23
CA TYR B 136 -7.76 11.27 -31.32
C TYR B 136 -7.78 11.73 -29.88
N LEU B 137 -7.69 10.75 -28.99
CA LEU B 137 -7.59 10.99 -27.57
C LEU B 137 -6.25 10.56 -27.00
N ILE B 138 -5.76 11.38 -26.07
CA ILE B 138 -4.69 11.04 -25.15
C ILE B 138 -5.34 10.88 -23.79
N LEU B 139 -5.21 9.68 -23.23
CA LEU B 139 -5.70 9.43 -21.86
C LEU B 139 -4.55 9.63 -20.89
N ASP B 140 -4.74 10.57 -19.97
CA ASP B 140 -3.68 11.02 -19.06
C ASP B 140 -4.11 10.68 -17.62
N TRP B 141 -3.30 9.85 -16.95
CA TRP B 141 -3.49 9.60 -15.52
C TRP B 141 -2.89 10.80 -14.79
N HIS B 142 -3.78 11.71 -14.40
CA HIS B 142 -3.38 13.06 -14.08
C HIS B 142 -3.07 13.27 -12.60
N SER B 143 -1.89 12.78 -12.23
CA SER B 143 -1.33 12.99 -10.91
C SER B 143 -0.08 13.86 -11.02
N ILE B 144 0.32 14.42 -9.89
CA ILE B 144 1.47 15.29 -9.79
C ILE B 144 2.18 14.87 -8.51
N GLY B 145 3.39 14.36 -8.64
CA GLY B 145 4.12 13.89 -7.48
C GLY B 145 5.02 12.75 -7.79
N TYR B 146 5.32 11.94 -6.77
CA TYR B 146 6.35 10.91 -6.88
C TYR B 146 5.69 9.57 -6.54
N LEU B 147 5.35 8.83 -7.59
CA LEU B 147 4.61 7.58 -7.44
C LEU B 147 5.38 6.54 -6.60
N PRO B 148 6.70 6.44 -6.73
CA PRO B 148 7.37 5.42 -5.91
C PRO B 148 7.23 5.55 -4.41
N THR B 149 7.03 6.77 -3.90
CA THR B 149 6.75 6.97 -2.49
C THR B 149 5.28 7.28 -2.21
N GLU B 150 4.49 7.37 -3.25
CA GLU B 150 3.06 7.69 -3.14
C GLU B 150 2.79 8.97 -2.41
N GLN B 151 3.58 10.00 -2.74
CA GLN B 151 3.41 11.35 -2.17
C GLN B 151 3.20 12.35 -3.31
N TYR B 152 2.32 13.33 -3.09
CA TYR B 152 1.80 14.16 -4.17
C TYR B 152 1.72 15.63 -3.85
N GLN B 153 1.51 16.41 -4.88
CA GLN B 153 1.42 17.85 -4.71
C GLN B 153 0.16 18.31 -3.95
N HIS B 154 -0.93 17.58 -4.15
CA HIS B 154 -2.24 17.96 -3.59
C HIS B 154 -3.08 16.68 -3.55
N PRO B 155 -4.01 16.58 -2.58
CA PRO B 155 -4.88 15.40 -2.51
C PRO B 155 -5.71 15.07 -3.75
N MET B 156 -5.99 16.02 -4.64
CA MET B 156 -6.76 15.68 -5.81
C MET B 156 -5.99 14.71 -6.70
N TYR B 157 -4.65 14.70 -6.52
CA TYR B 157 -3.78 13.86 -7.32
C TYR B 157 -3.41 12.55 -6.60
N ASP B 158 -3.89 12.37 -5.37
CA ASP B 158 -3.45 11.25 -4.56
C ASP B 158 -3.79 9.90 -5.20
N THR B 159 -2.82 9.00 -5.20
CA THR B 159 -3.00 7.66 -5.73
C THR B 159 -2.00 6.73 -5.08
N THR B 160 -1.99 5.49 -5.54
CA THR B 160 -1.03 4.49 -5.10
C THR B 160 -0.52 3.77 -6.32
N ILE B 161 0.56 3.04 -6.16
CA ILE B 161 1.03 2.19 -7.26
C ILE B 161 -0.07 1.19 -7.65
N LYS B 162 -0.70 0.57 -6.65
CA LYS B 162 -1.78 -0.38 -6.91
C LYS B 162 -2.90 0.23 -7.74
N GLU B 163 -3.36 1.43 -7.36
CA GLU B 163 -4.49 2.06 -8.04
C GLU B 163 -4.06 2.49 -9.46
N THR B 164 -2.81 2.95 -9.61
CA THR B 164 -2.32 3.37 -10.91
C THR B 164 -2.22 2.17 -11.87
N ARG B 165 -1.65 1.06 -11.37
CA ARG B 165 -1.64 -0.14 -12.17
C ARG B 165 -3.06 -0.56 -12.54
N ASP B 166 -3.98 -0.48 -11.58
CA ASP B 166 -5.33 -0.98 -11.85
C ASP B 166 -6.02 -0.08 -12.88
N PHE B 167 -5.77 1.24 -12.82
CA PHE B 167 -6.28 2.15 -13.83
C PHE B 167 -5.80 1.69 -15.20
N TRP B 168 -4.51 1.48 -15.35
CA TRP B 168 -4.00 1.12 -16.66
C TRP B 168 -4.45 -0.28 -17.09
N ARG B 169 -4.57 -1.21 -16.15
CA ARG B 169 -5.14 -2.53 -16.47
C ARG B 169 -6.54 -2.38 -17.04
N ARG B 170 -7.38 -1.60 -16.36
CA ARG B 170 -8.77 -1.46 -16.80
C ARG B 170 -8.89 -0.77 -18.16
N ILE B 171 -8.10 0.30 -18.35
CA ILE B 171 -8.12 1.05 -19.59
C ILE B 171 -7.65 0.19 -20.74
N THR B 172 -6.55 -0.53 -20.54
CA THR B 172 -5.97 -1.32 -21.59
C THR B 172 -6.94 -2.40 -22.06
N PHE B 173 -7.57 -3.06 -21.09
CA PHE B 173 -8.55 -4.09 -21.43
C PHE B 173 -9.74 -3.48 -22.17
N ARG B 174 -10.27 -2.40 -21.65
CA ARG B 174 -11.50 -1.87 -22.20
C ARG B 174 -11.33 -1.34 -23.62
N TYR B 175 -10.20 -0.67 -23.91
CA TYR B 175 -9.99 -0.02 -25.19
C TYR B 175 -9.04 -0.77 -26.10
N GLN B 176 -8.98 -2.09 -25.95
CA GLN B 176 -8.19 -2.90 -26.85
C GLN B 176 -8.62 -2.67 -28.32
N ASN B 177 -7.65 -2.47 -29.22
CA ASN B 177 -7.93 -2.38 -30.66
CA ASN B 177 -7.91 -2.33 -30.66
C ASN B 177 -8.84 -1.17 -31.03
N VAL B 178 -8.67 -0.05 -30.31
CA VAL B 178 -9.43 1.16 -30.58
C VAL B 178 -8.47 2.24 -31.07
N PRO B 179 -8.50 2.54 -32.38
CA PRO B 179 -7.52 3.52 -32.89
C PRO B 179 -7.69 4.93 -32.33
N THR B 180 -8.91 5.29 -31.95
CA THR B 180 -9.20 6.62 -31.48
C THR B 180 -8.38 6.96 -30.25
N VAL B 181 -8.18 5.97 -29.38
CA VAL B 181 -7.44 6.18 -28.16
C VAL B 181 -5.99 5.87 -28.49
N ALA B 182 -5.21 6.92 -28.69
CA ALA B 182 -3.89 6.74 -29.32
C ALA B 182 -2.74 6.60 -28.32
N VAL B 183 -2.84 7.31 -27.20
CA VAL B 183 -1.72 7.47 -26.28
C VAL B 183 -2.19 7.25 -24.85
N TYR B 184 -1.40 6.46 -24.12
CA TYR B 184 -1.61 6.23 -22.70
C TYR B 184 -0.49 6.96 -21.95
N GLU B 185 -0.84 8.11 -21.36
CA GLU B 185 0.13 8.98 -20.70
C GLU B 185 0.15 8.57 -19.21
N LEU B 186 1.17 7.78 -18.86
CA LEU B 186 1.21 6.95 -17.70
C LEU B 186 1.07 7.71 -16.38
N PHE B 187 1.73 8.86 -16.29
CA PHE B 187 1.75 9.65 -15.04
C PHE B 187 2.08 11.11 -15.39
N ASN B 188 1.05 11.95 -15.41
CA ASN B 188 1.15 13.33 -15.86
C ASN B 188 2.47 14.06 -15.48
N GLU B 189 2.69 14.32 -14.19
CA GLU B 189 3.82 15.16 -13.82
C GLU B 189 4.61 14.58 -12.65
N PRO B 190 5.65 13.80 -12.97
CA PRO B 190 6.60 13.38 -11.95
C PRO B 190 7.35 14.57 -11.36
N THR B 191 7.38 14.63 -10.03
CA THR B 191 8.11 15.64 -9.29
C THR B 191 8.26 15.18 -7.86
N THR B 192 9.39 15.53 -7.23
CA THR B 192 9.51 15.35 -5.80
C THR B 192 9.43 16.66 -5.03
N MET B 193 9.14 17.77 -5.73
CA MET B 193 9.00 19.08 -5.08
C MET B 193 10.22 19.38 -4.21
N GLY B 194 11.40 19.34 -4.83
CA GLY B 194 12.62 19.64 -4.11
C GLY B 194 13.03 18.54 -3.16
N ASN B 195 12.60 17.31 -3.48
CA ASN B 195 12.80 16.12 -2.66
C ASN B 195 12.02 16.14 -1.34
N THR B 196 11.04 17.01 -1.24
CA THR B 196 10.13 16.95 -0.11
C THR B 196 9.14 15.76 -0.17
N LEU B 197 8.95 15.19 -1.37
CA LEU B 197 8.04 14.06 -1.55
C LEU B 197 8.74 12.71 -1.53
N GLY B 198 10.06 12.69 -1.51
CA GLY B 198 10.84 11.51 -1.71
C GLY B 198 12.12 11.90 -2.44
N GLU B 199 13.03 10.95 -2.60
CA GLU B 199 14.29 11.18 -3.29
C GLU B 199 14.13 10.86 -4.76
N ARG B 200 14.16 11.85 -5.64
CA ARG B 200 13.98 11.51 -7.06
C ARG B 200 15.09 10.58 -7.50
N ASN B 201 14.73 9.54 -8.22
CA ASN B 201 15.70 8.55 -8.63
C ASN B 201 15.26 8.01 -9.97
N TRP B 202 16.01 8.35 -11.02
CA TRP B 202 15.63 7.95 -12.35
C TRP B 202 15.54 6.44 -12.50
N ALA B 203 16.50 5.71 -11.99
CA ALA B 203 16.47 4.26 -12.13
C ALA B 203 15.16 3.65 -11.62
N GLU B 204 14.73 4.10 -10.45
CA GLU B 204 13.51 3.65 -9.84
C GLU B 204 12.27 4.03 -10.67
N TRP B 205 12.24 5.26 -11.15
CA TRP B 205 11.12 5.72 -11.96
C TRP B 205 11.09 5.03 -13.33
N LYS B 206 12.24 4.88 -13.96
CA LYS B 206 12.39 4.11 -15.20
C LYS B 206 11.82 2.70 -15.06
N THR B 207 12.22 2.02 -13.99
CA THR B 207 11.76 0.65 -13.77
C THR B 207 10.25 0.58 -13.62
N LEU B 208 9.68 1.53 -12.88
CA LEU B 208 8.26 1.54 -12.69
C LEU B 208 7.51 1.80 -13.98
N ASN B 209 8.00 2.74 -14.80
CA ASN B 209 7.40 2.98 -16.10
C ASN B 209 7.45 1.72 -16.97
N GLU B 210 8.58 1.05 -16.95
CA GLU B 210 8.74 -0.18 -17.74
C GLU B 210 7.73 -1.24 -17.27
N SER B 211 7.47 -1.29 -15.96
CA SER B 211 6.52 -2.21 -15.41
C SER B 211 5.10 -1.90 -15.90
N LEU B 212 4.72 -0.64 -15.94
CA LEU B 212 3.44 -0.23 -16.48
C LEU B 212 3.32 -0.52 -17.97
N ILE B 213 4.39 -0.23 -18.70
CA ILE B 213 4.43 -0.53 -20.14
C ILE B 213 4.22 -2.03 -20.37
N ASP B 214 4.84 -2.85 -19.57
CA ASP B 214 4.73 -4.30 -19.75
C ASP B 214 3.29 -4.77 -19.51
N MET B 215 2.60 -4.22 -18.52
CA MET B 215 1.18 -4.57 -18.29
C MET B 215 0.34 -4.18 -19.49
N ILE B 216 0.63 -3.02 -20.07
CA ILE B 216 -0.13 -2.54 -21.21
C ILE B 216 0.14 -3.38 -22.45
N TYR B 217 1.40 -3.57 -22.77
CA TYR B 217 1.77 -4.35 -23.95
C TYR B 217 1.33 -5.81 -23.87
N ALA B 218 1.20 -6.35 -22.67
CA ALA B 218 0.67 -7.70 -22.52
C ALA B 218 -0.77 -7.83 -23.02
N SER B 219 -1.49 -6.69 -22.95
N SER B 219 -1.54 -6.77 -23.10
CA SER B 219 -2.96 -6.51 -23.18
CA SER B 219 -2.88 -6.87 -23.71
C SER B 219 -3.28 -5.86 -24.56
C SER B 219 -2.89 -6.17 -25.06
N ASP B 220 -2.42 -4.96 -25.07
CA ASP B 220 -2.57 -4.22 -26.34
C ASP B 220 -1.24 -3.60 -26.81
N LYS B 221 -0.65 -4.17 -27.84
CA LYS B 221 0.61 -3.67 -28.41
C LYS B 221 0.45 -2.51 -29.39
N THR B 222 -0.79 -2.10 -29.65
CA THR B 222 -1.01 -1.03 -30.61
C THR B 222 -0.98 0.37 -29.96
N VAL B 223 -1.02 0.43 -28.65
CA VAL B 223 -1.12 1.72 -27.99
C VAL B 223 0.28 2.31 -27.82
N ILE B 224 0.34 3.64 -27.73
CA ILE B 224 1.58 4.35 -27.49
C ILE B 224 1.64 4.82 -26.05
N PRO B 225 2.54 4.21 -25.25
CA PRO B 225 2.77 4.75 -23.91
C PRO B 225 3.57 6.05 -23.99
N LEU B 226 3.27 6.99 -23.10
CA LEU B 226 3.95 8.28 -23.07
C LEU B 226 4.53 8.44 -21.67
N VAL B 227 5.86 8.57 -21.62
CA VAL B 227 6.67 8.58 -20.40
C VAL B 227 7.22 9.99 -20.13
N ALA B 228 7.18 10.39 -18.87
CA ALA B 228 7.60 11.72 -18.43
C ALA B 228 8.79 11.68 -17.51
N GLY B 229 9.62 12.74 -17.60
CA GLY B 229 10.73 12.97 -16.71
C GLY B 229 10.35 13.79 -15.49
N PHE B 230 11.36 14.18 -14.75
CA PHE B 230 11.20 14.91 -13.50
C PHE B 230 10.98 16.41 -13.69
N ASN B 231 10.94 17.15 -12.59
CA ASN B 231 10.69 18.60 -12.62
C ASN B 231 9.36 18.88 -13.31
N TRP B 232 8.33 18.13 -12.92
CA TRP B 232 6.99 18.26 -13.48
C TRP B 232 6.98 18.00 -14.98
N ALA B 233 7.55 16.88 -15.36
CA ALA B 233 7.59 16.46 -16.76
C ALA B 233 8.32 17.45 -17.66
N TYR B 234 9.27 18.21 -17.11
CA TYR B 234 10.06 19.13 -17.91
C TYR B 234 11.41 18.51 -18.32
N ASP B 235 12.01 17.71 -17.44
CA ASP B 235 13.39 17.30 -17.58
C ASP B 235 13.48 15.87 -18.06
N LEU B 236 13.70 15.72 -19.36
CA LEU B 236 13.92 14.42 -20.00
C LEU B 236 15.41 14.03 -20.02
N SER B 237 16.31 14.89 -19.54
CA SER B 237 17.74 14.62 -19.72
C SER B 237 18.27 13.26 -19.24
N PRO B 238 17.62 12.61 -18.23
CA PRO B 238 18.08 11.26 -17.88
C PRO B 238 18.05 10.24 -19.01
N ILE B 239 17.22 10.46 -20.03
CA ILE B 239 17.13 9.50 -21.13
C ILE B 239 18.34 9.54 -22.07
N LYS B 240 19.20 10.56 -21.92
CA LYS B 240 20.39 10.62 -22.76
C LYS B 240 21.22 9.37 -22.55
N LYS B 241 21.37 8.97 -21.29
CA LYS B 241 22.16 7.80 -20.98
C LYS B 241 21.38 6.62 -20.47
N ALA B 242 20.13 6.84 -20.03
CA ALA B 242 19.31 5.74 -19.48
C ALA B 242 17.89 5.82 -19.99
N PRO B 243 17.73 5.72 -21.32
CA PRO B 243 16.37 5.76 -21.87
C PRO B 243 15.56 4.54 -21.46
N ILE B 244 14.23 4.67 -21.48
CA ILE B 244 13.36 3.52 -21.25
C ILE B 244 13.74 2.46 -22.29
N GLU B 245 13.88 1.23 -21.83
CA GLU B 245 14.34 0.13 -22.68
C GLU B 245 13.14 -0.67 -23.21
N ARG B 246 12.24 0.05 -23.86
CA ARG B 246 11.08 -0.52 -24.55
C ARG B 246 10.89 0.24 -25.82
N GLU B 247 10.39 -0.43 -26.85
CA GLU B 247 10.09 0.19 -28.13
C GLU B 247 8.68 0.75 -28.14
N GLY B 248 8.38 1.61 -29.10
CA GLY B 248 7.02 2.04 -29.34
C GLY B 248 6.52 3.12 -28.40
N ILE B 249 7.41 3.75 -27.66
CA ILE B 249 7.00 4.76 -26.71
C ILE B 249 7.34 6.16 -27.22
N ALA B 250 6.69 7.12 -26.60
CA ALA B 250 6.98 8.53 -26.79
C ALA B 250 7.26 9.15 -25.45
N TYR B 251 7.89 10.34 -25.47
CA TYR B 251 8.18 11.09 -24.26
C TYR B 251 7.35 12.36 -24.18
N ALA B 252 6.86 12.62 -22.98
CA ALA B 252 6.16 13.88 -22.68
C ALA B 252 7.12 15.00 -22.38
N ALA B 253 6.66 16.23 -22.59
CA ALA B 253 7.40 17.41 -22.14
C ALA B 253 6.36 18.47 -21.78
N HIS B 254 6.59 19.18 -20.68
CA HIS B 254 5.71 20.25 -20.24
C HIS B 254 6.49 21.57 -20.15
N PRO B 255 6.77 22.16 -21.32
CA PRO B 255 7.62 23.36 -21.37
C PRO B 255 6.86 24.65 -21.12
N TYR B 256 6.36 24.83 -19.93
CA TYR B 256 5.75 26.07 -19.53
C TYR B 256 6.79 27.21 -19.57
N PRO B 257 6.33 28.46 -19.69
CA PRO B 257 7.26 29.57 -19.97
C PRO B 257 8.36 29.80 -18.95
N GLN B 258 8.09 29.56 -17.67
CA GLN B 258 9.07 29.86 -16.63
C GLN B 258 9.86 28.62 -16.16
N LYS B 259 9.71 27.47 -16.85
CA LYS B 259 10.52 26.31 -16.48
C LYS B 259 11.99 26.58 -16.72
N ALA B 260 12.31 27.20 -17.86
CA ALA B 260 13.64 27.70 -18.16
C ALA B 260 13.69 29.16 -17.73
N LYS B 261 14.81 29.55 -17.11
CA LYS B 261 14.92 30.84 -16.43
C LYS B 261 16.21 31.57 -16.83
N PRO B 262 16.34 31.91 -18.12
CA PRO B 262 17.46 32.75 -18.53
C PRO B 262 17.27 34.18 -18.03
N GLU B 263 18.36 34.88 -17.74
CA GLU B 263 18.27 36.28 -17.34
C GLU B 263 17.77 37.11 -18.52
N VAL B 264 18.44 36.95 -19.68
CA VAL B 264 18.02 37.60 -20.91
C VAL B 264 17.06 36.67 -21.65
N LYS B 265 15.80 37.08 -21.70
CA LYS B 265 14.72 36.29 -22.25
C LYS B 265 14.63 36.51 -23.75
N ASN B 266 15.32 35.68 -24.52
CA ASN B 266 15.25 35.72 -25.98
C ASN B 266 15.23 34.31 -26.55
N ASP B 267 15.06 34.21 -27.86
CA ASP B 267 14.88 32.90 -28.50
C ASP B 267 16.10 32.04 -28.25
N LYS B 268 17.27 32.59 -28.50
CA LYS B 268 18.50 31.80 -28.46
C LYS B 268 18.70 31.21 -27.07
N ASN B 269 18.45 31.99 -26.03
CA ASN B 269 18.69 31.51 -24.67
C ASN B 269 17.67 30.46 -24.27
N PHE B 270 16.41 30.69 -24.60
CA PHE B 270 15.38 29.68 -24.35
C PHE B 270 15.64 28.39 -25.12
N PHE B 271 16.00 28.52 -26.39
CA PHE B 271 16.24 27.33 -27.20
C PHE B 271 17.41 26.51 -26.60
N LYS B 272 18.47 27.17 -26.14
CA LYS B 272 19.60 26.47 -25.52
C LYS B 272 19.16 25.68 -24.29
N LEU B 273 18.33 26.30 -23.46
CA LEU B 273 17.86 25.68 -22.24
C LEU B 273 16.87 24.55 -22.55
N TRP B 274 15.91 24.79 -23.44
CA TRP B 274 14.97 23.76 -23.86
C TRP B 274 15.69 22.59 -24.53
N ASP B 275 16.68 22.87 -25.38
CA ASP B 275 17.42 21.81 -26.05
C ASP B 275 18.02 20.85 -25.01
N GLU B 276 18.63 21.40 -24.00
CA GLU B 276 19.35 20.60 -23.02
C GLU B 276 18.40 19.72 -22.20
N LYS B 277 17.26 20.27 -21.84
CA LYS B 277 16.36 19.57 -20.91
C LYS B 277 15.35 18.66 -21.56
N TRP B 278 14.87 18.99 -22.77
CA TRP B 278 13.86 18.17 -23.39
C TRP B 278 13.84 18.12 -24.90
N GLY B 279 14.18 19.22 -25.56
CA GLY B 279 14.05 19.24 -27.00
C GLY B 279 14.94 18.25 -27.71
N PHE B 280 16.11 17.98 -27.15
CA PHE B 280 17.03 16.96 -27.71
C PHE B 280 16.32 15.62 -27.96
N ALA B 281 15.32 15.29 -27.15
CA ALA B 281 14.67 13.99 -27.23
C ALA B 281 14.03 13.73 -28.57
N ALA B 282 13.54 14.79 -29.20
CA ALA B 282 12.83 14.69 -30.47
C ALA B 282 13.73 14.23 -31.61
N ASP B 283 15.06 14.29 -31.42
CA ASP B 283 16.00 13.76 -32.42
C ASP B 283 15.90 12.25 -32.54
N THR B 284 15.50 11.60 -31.44
CA THR B 284 15.55 10.14 -31.35
C THR B 284 14.19 9.47 -31.12
N TYR B 285 13.29 10.17 -30.44
CA TYR B 285 11.99 9.64 -30.08
C TYR B 285 10.91 10.65 -30.42
N PRO B 286 9.67 10.18 -30.59
CA PRO B 286 8.59 11.15 -30.68
C PRO B 286 8.35 11.82 -29.34
N VAL B 287 8.01 13.10 -29.38
CA VAL B 287 7.74 13.89 -28.18
C VAL B 287 6.37 14.55 -28.30
N ILE B 288 5.58 14.48 -27.22
CA ILE B 288 4.35 15.25 -27.13
C ILE B 288 4.44 16.22 -25.98
N ALA B 289 4.33 17.51 -26.30
CA ALA B 289 4.26 18.55 -25.26
C ALA B 289 2.82 18.55 -24.78
N THR B 290 2.51 17.70 -23.82
CA THR B 290 1.13 17.49 -23.44
C THR B 290 0.56 18.57 -22.53
N GLN B 291 1.41 19.47 -22.04
CA GLN B 291 0.97 20.72 -21.47
C GLN B 291 1.94 21.81 -21.87
N LEU B 292 1.37 22.97 -22.16
CA LEU B 292 2.10 24.18 -22.46
C LEU B 292 1.05 25.30 -22.46
N GLY B 293 1.51 26.53 -22.39
CA GLY B 293 0.61 27.67 -22.42
C GLY B 293 1.05 28.74 -21.47
N TRP B 294 0.35 29.88 -21.47
CA TRP B 294 0.70 30.99 -20.59
C TRP B 294 -0.50 31.87 -20.30
N VAL B 295 -0.34 32.68 -19.27
CA VAL B 295 -1.21 33.81 -19.01
C VAL B 295 -0.33 34.98 -18.57
N GLN B 296 -0.76 36.21 -18.82
CA GLN B 296 -0.06 37.41 -18.33
C GLN B 296 0.18 37.29 -16.84
N PRO B 297 1.29 37.90 -16.33
CA PRO B 297 1.65 37.70 -14.92
C PRO B 297 0.63 38.24 -13.91
N ASP B 298 -0.19 39.19 -14.34
CA ASP B 298 -1.30 39.73 -13.56
C ASP B 298 -2.70 39.24 -14.02
N GLY B 299 -2.73 38.24 -14.91
CA GLY B 299 -3.98 37.73 -15.45
C GLY B 299 -4.65 36.69 -14.57
N TYR B 300 -5.68 36.09 -15.13
CA TYR B 300 -6.49 35.10 -14.42
C TYR B 300 -5.71 33.81 -14.14
N GLY B 301 -5.63 33.45 -12.88
CA GLY B 301 -5.01 32.21 -12.47
C GLY B 301 -3.52 32.18 -12.66
N ALA B 302 -2.88 33.37 -12.69
CA ALA B 302 -1.48 33.48 -12.92
C ALA B 302 -0.71 32.91 -11.72
N HIS B 303 0.31 32.14 -12.04
CA HIS B 303 1.17 31.53 -11.03
C HIS B 303 2.41 31.02 -11.76
N ILE B 304 3.52 30.91 -11.05
CA ILE B 304 4.71 30.23 -11.59
C ILE B 304 4.28 28.78 -11.83
N PRO B 305 4.66 28.18 -12.99
CA PRO B 305 5.54 28.63 -14.04
C PRO B 305 4.84 29.04 -15.33
N VAL B 306 3.61 29.55 -15.24
CA VAL B 306 2.82 29.83 -16.44
C VAL B 306 2.73 31.32 -16.83
N LYS B 307 3.44 32.19 -16.12
CA LYS B 307 3.37 33.62 -16.38
C LYS B 307 4.27 33.98 -17.53
N ASP B 308 3.77 34.81 -18.45
CA ASP B 308 4.59 35.30 -19.56
C ASP B 308 3.93 36.52 -20.17
N ASP B 309 4.75 37.38 -20.77
CA ASP B 309 4.26 38.56 -21.43
C ASP B 309 3.60 38.31 -22.78
N GLY B 310 3.69 37.06 -23.27
CA GLY B 310 3.10 36.69 -24.57
C GLY B 310 4.13 36.26 -25.61
N SER B 311 5.38 36.72 -25.48
CA SER B 311 6.42 36.36 -26.47
C SER B 311 6.71 34.86 -26.49
N TYR B 312 6.40 34.18 -25.40
CA TYR B 312 6.54 32.72 -25.36
C TYR B 312 5.75 31.98 -26.44
N GLY B 313 4.56 32.49 -26.79
CA GLY B 313 3.68 31.79 -27.73
C GLY B 313 4.37 31.51 -29.04
N PRO B 314 4.76 32.56 -29.76
CA PRO B 314 5.44 32.35 -31.01
C PRO B 314 6.75 31.54 -30.85
N ARG B 315 7.41 31.74 -29.73
CA ARG B 315 8.69 31.07 -29.47
C ARG B 315 8.54 29.55 -29.35
N ILE B 316 7.61 29.11 -28.49
CA ILE B 316 7.40 27.68 -28.31
C ILE B 316 6.83 27.03 -29.57
N VAL B 317 5.96 27.73 -30.30
CA VAL B 317 5.41 27.19 -31.51
C VAL B 317 6.49 27.01 -32.57
N LYS B 318 7.36 28.02 -32.74
CA LYS B 318 8.43 27.88 -33.72
C LYS B 318 9.38 26.72 -33.35
N TYR B 319 9.69 26.60 -32.06
CA TYR B 319 10.58 25.58 -31.60
C TYR B 319 9.99 24.20 -31.87
N MET B 320 8.71 24.02 -31.54
CA MET B 320 8.07 22.72 -31.77
C MET B 320 7.93 22.42 -33.25
N GLN B 321 7.53 23.42 -34.04
CA GLN B 321 7.42 23.25 -35.49
C GLN B 321 8.74 22.80 -36.10
N LYS B 322 9.85 23.43 -35.70
CA LYS B 322 11.14 23.08 -36.29
C LYS B 322 11.57 21.67 -35.91
N LYS B 323 11.17 21.21 -34.72
CA LYS B 323 11.59 19.89 -34.26
C LYS B 323 10.57 18.80 -34.51
N GLY B 324 9.39 19.15 -35.04
CA GLY B 324 8.34 18.17 -35.32
C GLY B 324 7.62 17.65 -34.10
N VAL B 325 7.59 18.45 -33.03
CA VAL B 325 7.01 18.05 -31.75
C VAL B 325 5.50 18.22 -31.74
N SER B 326 4.81 17.19 -31.24
CA SER B 326 3.36 17.21 -31.07
C SER B 326 3.00 17.98 -29.79
N TYR B 327 1.73 18.41 -29.66
CA TYR B 327 1.34 19.23 -28.51
C TYR B 327 -0.14 19.25 -28.22
N THR B 328 -0.45 19.43 -26.94
CA THR B 328 -1.79 19.70 -26.50
C THR B 328 -1.74 20.84 -25.48
N VAL B 329 -2.34 21.97 -25.86
CA VAL B 329 -2.32 23.17 -25.02
C VAL B 329 -3.15 22.97 -23.74
N TRP B 330 -2.68 23.51 -22.63
CA TRP B 330 -3.42 23.54 -21.37
C TRP B 330 -3.97 24.97 -21.17
N VAL B 331 -5.28 25.20 -21.01
CA VAL B 331 -6.35 24.20 -20.99
C VAL B 331 -7.61 24.85 -21.60
N PHE B 332 -8.38 24.05 -22.31
CA PHE B 332 -9.63 24.51 -22.93
C PHE B 332 -10.75 24.41 -21.91
N ASP B 333 -10.74 25.36 -20.99
CA ASP B 333 -11.66 25.44 -19.85
C ASP B 333 -11.65 26.88 -19.39
N PRO B 334 -12.81 27.42 -18.93
CA PRO B 334 -12.83 28.81 -18.48
C PRO B 334 -12.51 29.01 -17.00
N ASP B 335 -12.34 27.91 -16.27
CA ASP B 335 -12.06 27.97 -14.82
C ASP B 335 -10.63 27.60 -14.49
N TRP B 336 -10.19 26.48 -15.02
CA TRP B 336 -8.83 26.01 -14.81
C TRP B 336 -7.86 26.83 -15.67
N SER B 337 -6.73 27.19 -15.10
CA SER B 337 -5.82 28.11 -15.73
C SER B 337 -4.46 27.47 -16.05
N PRO B 338 -3.73 28.06 -16.98
CA PRO B 338 -4.12 29.16 -17.85
C PRO B 338 -5.22 28.76 -18.83
N THR B 339 -6.27 29.56 -18.92
CA THR B 339 -7.40 29.24 -19.79
C THR B 339 -7.10 29.54 -21.25
N MET B 340 -7.76 28.80 -22.15
CA MET B 340 -7.81 29.13 -23.58
C MET B 340 -9.09 29.90 -23.93
N ILE B 341 -10.08 29.82 -23.05
CA ILE B 341 -11.38 30.43 -23.24
C ILE B 341 -11.77 31.08 -21.94
N ASN B 342 -12.49 32.19 -22.02
CA ASN B 342 -12.86 32.90 -20.80
C ASN B 342 -14.30 32.62 -20.33
N ASP B 343 -15.06 31.88 -21.13
CA ASP B 343 -16.44 31.51 -20.81
C ASP B 343 -16.80 30.30 -21.69
N TRP B 344 -17.97 29.73 -21.43
CA TRP B 344 -18.44 28.57 -22.15
C TRP B 344 -19.11 28.90 -23.48
N ASP B 345 -19.13 30.18 -23.85
CA ASP B 345 -19.38 30.58 -25.23
C ASP B 345 -18.10 30.59 -26.07
N PHE B 346 -17.00 30.11 -25.48
CA PHE B 346 -15.72 29.91 -26.15
C PHE B 346 -15.02 31.21 -26.54
N THR B 347 -15.30 32.28 -25.81
CA THR B 347 -14.59 33.53 -26.02
C THR B 347 -13.10 33.27 -25.77
N PRO B 348 -12.23 33.50 -26.79
CA PRO B 348 -10.82 33.14 -26.56
C PRO B 348 -10.11 34.05 -25.57
N SER B 349 -9.24 33.47 -24.75
CA SER B 349 -8.30 34.24 -23.99
C SER B 349 -7.15 34.68 -24.92
N GLU B 350 -6.18 35.40 -24.36
CA GLU B 350 -4.98 35.78 -25.12
C GLU B 350 -4.31 34.51 -25.71
N GLN B 351 -3.96 33.55 -24.86
CA GLN B 351 -3.29 32.36 -25.42
C GLN B 351 -4.24 31.56 -26.31
N GLY B 352 -5.53 31.56 -25.99
CA GLY B 352 -6.48 30.83 -26.79
C GLY B 352 -6.56 31.36 -28.22
N ALA B 353 -6.65 32.68 -28.35
CA ALA B 353 -6.69 33.30 -29.68
C ALA B 353 -5.43 32.96 -30.45
N PHE B 354 -4.28 32.99 -29.75
CA PHE B 354 -3.00 32.71 -30.40
C PHE B 354 -2.95 31.27 -30.91
N PHE B 355 -3.24 30.32 -30.03
CA PHE B 355 -3.15 28.92 -30.43
C PHE B 355 -4.23 28.50 -31.41
N LYS B 356 -5.40 29.13 -31.31
CA LYS B 356 -6.48 28.89 -32.27
C LYS B 356 -6.00 29.14 -33.68
N GLN B 357 -5.35 30.29 -33.90
CA GLN B 357 -4.88 30.56 -35.25
C GLN B 357 -3.79 29.61 -35.71
N VAL B 358 -2.87 29.27 -34.79
CA VAL B 358 -1.82 28.31 -35.12
C VAL B 358 -2.42 26.99 -35.57
N MET B 359 -3.36 26.47 -34.79
CA MET B 359 -3.91 25.15 -35.07
C MET B 359 -4.78 25.15 -36.33
N LEU B 360 -5.58 26.20 -36.51
CA LEU B 360 -6.37 26.31 -37.73
C LEU B 360 -5.50 26.34 -38.99
N GLU B 361 -4.39 27.07 -38.90
CA GLU B 361 -3.47 27.19 -40.02
C GLU B 361 -2.80 25.85 -40.29
N ALA B 362 -2.47 25.12 -39.22
CA ALA B 362 -1.82 23.81 -39.36
C ALA B 362 -2.76 22.77 -39.92
N LYS B 363 -4.05 22.90 -39.64
CA LYS B 363 -5.07 21.99 -40.15
C LYS B 363 -5.30 22.21 -41.65
N LYS B 364 -5.20 23.47 -42.08
CA LYS B 364 -5.56 23.91 -43.43
C LYS B 364 -4.98 23.05 -44.56
N ASP C 30 -14.51 3.88 22.29
CA ASP C 30 -13.25 4.62 22.08
C ASP C 30 -12.11 3.69 21.70
N TRP C 31 -11.25 4.16 20.79
CA TRP C 31 -10.27 3.29 20.20
C TRP C 31 -9.25 2.77 21.21
N TRP C 32 -8.98 3.53 22.28
CA TRP C 32 -7.95 3.11 23.25
C TRP C 32 -8.49 2.01 24.17
N ASP C 33 -9.81 1.73 24.11
CA ASP C 33 -10.43 0.67 24.88
C ASP C 33 -10.61 -0.63 24.08
N ILE C 34 -10.24 -0.64 22.80
CA ILE C 34 -10.39 -1.84 21.98
C ILE C 34 -9.47 -2.94 22.54
N PRO C 35 -10.02 -4.13 22.81
CA PRO C 35 -9.19 -5.16 23.45
C PRO C 35 -8.15 -5.77 22.51
N TYR C 36 -7.12 -6.31 23.12
CA TYR C 36 -6.16 -7.16 22.44
C TYR C 36 -6.80 -8.50 22.07
N PRO C 37 -6.30 -9.17 21.03
CA PRO C 37 -6.93 -10.42 20.57
C PRO C 37 -6.70 -11.59 21.51
N SER C 38 -7.58 -12.58 21.38
CA SER C 38 -7.54 -13.81 22.17
CA SER C 38 -7.53 -13.81 22.17
C SER C 38 -7.13 -14.99 21.30
N GLN C 39 -6.69 -16.07 21.93
CA GLN C 39 -6.36 -17.30 21.24
C GLN C 39 -7.45 -18.34 21.47
N PHE C 40 -7.68 -19.19 20.48
CA PHE C 40 -8.67 -20.23 20.57
C PHE C 40 -8.36 -21.13 21.78
N ASP C 41 -9.42 -21.53 22.50
CA ASP C 41 -9.28 -22.37 23.69
C ASP C 41 -9.03 -23.83 23.32
N VAL C 42 -7.78 -24.25 23.35
CA VAL C 42 -7.41 -25.60 22.92
C VAL C 42 -8.05 -26.69 23.79
N LYS C 43 -8.38 -26.36 25.03
CA LYS C 43 -9.06 -27.31 25.92
C LYS C 43 -10.52 -27.55 25.54
N SER C 44 -11.06 -26.79 24.60
CA SER C 44 -12.44 -27.00 24.15
C SER C 44 -12.56 -28.16 23.15
N LEU C 45 -11.43 -28.69 22.71
CA LEU C 45 -11.38 -29.70 21.67
C LEU C 45 -11.17 -31.09 22.23
N LYS C 46 -11.75 -32.07 21.55
CA LYS C 46 -11.43 -33.45 21.86
C LYS C 46 -10.12 -33.85 21.20
N THR C 47 -9.56 -34.97 21.63
CA THR C 47 -8.30 -35.47 21.10
C THR C 47 -8.33 -35.56 19.58
N GLN C 48 -7.30 -35.04 18.95
CA GLN C 48 -7.14 -35.13 17.50
C GLN C 48 -5.66 -35.00 17.18
N SER C 49 -5.13 -35.91 16.38
CA SER C 49 -3.71 -35.89 16.05
C SER C 49 -3.37 -34.65 15.23
N PHE C 50 -2.21 -34.07 15.54
CA PHE C 50 -1.57 -33.18 14.57
C PHE C 50 -1.18 -33.96 13.33
N ILE C 51 -1.29 -33.30 12.18
CA ILE C 51 -0.71 -33.80 10.96
C ILE C 51 0.62 -33.03 10.76
N SER C 52 1.67 -33.75 10.34
CA SER C 52 2.96 -33.14 10.10
CA SER C 52 3.01 -33.21 10.13
C SER C 52 3.56 -33.62 8.78
N VAL C 53 4.58 -32.90 8.32
CA VAL C 53 5.28 -33.26 7.11
C VAL C 53 6.54 -34.05 7.45
N LYS C 54 6.74 -35.18 6.78
CA LYS C 54 8.00 -35.94 6.88
C LYS C 54 8.39 -36.34 5.48
N GLY C 55 9.47 -35.74 4.96
CA GLY C 55 9.87 -35.98 3.59
C GLY C 55 8.73 -35.62 2.65
N ASN C 56 8.37 -36.55 1.78
CA ASN C 56 7.31 -36.31 0.79
C ASN C 56 5.91 -36.71 1.25
N LYS C 57 5.73 -36.97 2.53
CA LYS C 57 4.47 -37.46 3.09
C LYS C 57 3.94 -36.56 4.20
N PHE C 58 2.61 -36.58 4.36
CA PHE C 58 1.98 -36.19 5.60
C PHE C 58 1.90 -37.41 6.51
N ILE C 59 2.09 -37.19 7.80
CA ILE C 59 1.96 -38.25 8.78
C ILE C 59 1.19 -37.76 9.99
N ASP C 60 0.58 -38.70 10.71
CA ASP C 60 -0.05 -38.41 11.98
C ASP C 60 0.96 -38.60 13.12
N ASP C 61 0.49 -38.47 14.35
CA ASP C 61 1.40 -38.50 15.49
C ASP C 61 1.86 -39.90 15.89
N LYS C 62 1.44 -40.92 15.13
CA LYS C 62 1.98 -42.28 15.28
C LYS C 62 2.88 -42.64 14.09
N GLY C 63 3.14 -41.68 13.22
CA GLY C 63 4.00 -41.92 12.07
C GLY C 63 3.30 -42.53 10.87
N LYS C 64 1.97 -42.70 10.95
CA LYS C 64 1.22 -43.32 9.87
C LYS C 64 0.96 -42.29 8.77
N THR C 65 1.17 -42.70 7.53
CA THR C 65 0.92 -41.83 6.40
C THR C 65 -0.54 -41.39 6.36
N PHE C 66 -0.72 -40.08 6.17
CA PHE C 66 -2.02 -39.46 6.11
C PHE C 66 -2.23 -38.82 4.75
N THR C 67 -3.44 -38.94 4.22
CA THR C 67 -3.81 -38.33 2.95
C THR C 67 -5.03 -37.47 3.20
N PHE C 68 -4.95 -36.16 2.92
CA PHE C 68 -6.15 -35.31 2.96
C PHE C 68 -7.02 -35.69 1.76
N ARG C 69 -8.30 -35.99 2.04
CA ARG C 69 -9.27 -36.33 1.01
C ARG C 69 -10.56 -35.63 1.38
N GLY C 70 -11.01 -34.69 0.56
CA GLY C 70 -12.24 -34.02 0.90
C GLY C 70 -12.70 -33.04 -0.14
N VAL C 71 -13.33 -31.98 0.33
CA VAL C 71 -13.97 -31.03 -0.53
C VAL C 71 -13.73 -29.60 -0.05
N ASN C 72 -13.84 -28.69 -0.99
CA ASN C 72 -14.13 -27.29 -0.70
C ASN C 72 -15.61 -27.13 -0.43
N ILE C 73 -15.94 -26.25 0.49
CA ILE C 73 -17.24 -25.62 0.58
C ILE C 73 -17.08 -24.14 0.20
N ALA C 74 -18.16 -23.42 0.06
CA ALA C 74 -18.11 -22.00 -0.31
C ALA C 74 -17.60 -21.14 0.84
N ASP C 75 -17.31 -19.90 0.51
CA ASP C 75 -16.93 -18.91 1.52
C ASP C 75 -18.01 -18.86 2.62
N THR C 76 -17.54 -18.68 3.86
CA THR C 76 -18.40 -18.63 5.02
C THR C 76 -19.50 -17.61 4.90
N GLY C 77 -19.19 -16.42 4.40
CA GLY C 77 -20.20 -15.40 4.22
C GLY C 77 -21.28 -15.78 3.22
N LYS C 78 -20.90 -16.45 2.13
CA LYS C 78 -21.89 -16.92 1.17
C LYS C 78 -22.84 -17.87 1.88
N LEU C 79 -22.29 -18.84 2.61
CA LEU C 79 -23.12 -19.81 3.32
C LEU C 79 -24.01 -19.16 4.39
N LEU C 80 -23.45 -18.25 5.18
CA LEU C 80 -24.26 -17.54 6.18
C LEU C 80 -25.45 -16.80 5.55
N SER C 81 -25.22 -16.20 4.39
CA SER C 81 -26.24 -15.35 3.76
C SER C 81 -27.52 -16.14 3.48
N ARG C 82 -27.39 -17.46 3.32
CA ARG C 82 -28.56 -18.35 3.07
C ARG C 82 -28.81 -19.30 4.25
N ASN C 83 -28.24 -18.99 5.41
CA ASN C 83 -28.36 -19.82 6.62
CA ASN C 83 -28.37 -19.81 6.62
C ASN C 83 -27.89 -21.26 6.43
N GLN C 84 -26.86 -21.47 5.60
CA GLN C 84 -26.29 -22.78 5.36
C GLN C 84 -24.96 -23.01 6.07
N TRP C 85 -24.54 -22.06 6.90
CA TRP C 85 -23.32 -22.23 7.72
C TRP C 85 -23.75 -22.88 9.03
N GLN C 86 -23.64 -24.20 9.07
CA GLN C 86 -24.20 -24.99 10.15
C GLN C 86 -23.39 -26.29 10.26
N LYS C 87 -23.34 -26.86 11.46
CA LYS C 87 -22.64 -28.11 11.70
C LYS C 87 -23.21 -29.23 10.80
N SER C 88 -24.50 -29.17 10.50
CA SER C 88 -25.13 -30.17 9.63
C SER C 88 -24.42 -30.33 8.29
N LEU C 89 -23.82 -29.26 7.78
CA LEU C 89 -23.09 -29.34 6.53
C LEU C 89 -21.86 -30.24 6.68
N PHE C 90 -21.14 -30.04 7.79
CA PHE C 90 -19.97 -30.84 8.07
C PHE C 90 -20.35 -32.30 8.36
N GLU C 91 -21.47 -32.51 9.07
CA GLU C 91 -21.97 -33.87 9.32
C GLU C 91 -22.29 -34.61 8.04
N GLU C 92 -22.98 -33.94 7.11
CA GLU C 92 -23.27 -34.54 5.82
C GLU C 92 -22.02 -35.02 5.15
N LEU C 93 -21.01 -34.16 5.12
CA LEU C 93 -19.76 -34.49 4.43
C LEU C 93 -18.97 -35.60 5.10
N ALA C 94 -18.80 -35.51 6.42
CA ALA C 94 -18.03 -36.52 7.13
C ALA C 94 -18.78 -37.87 7.16
N ASN C 95 -20.08 -37.82 7.39
CA ASN C 95 -20.83 -39.06 7.53
C ASN C 95 -21.14 -39.73 6.22
N ASN C 96 -21.52 -38.93 5.22
CA ASN C 96 -22.06 -39.50 3.99
C ASN C 96 -21.20 -39.39 2.74
N TRP C 97 -20.18 -38.51 2.75
CA TRP C 97 -19.32 -38.34 1.61
C TRP C 97 -17.89 -38.83 1.78
N GLY C 98 -17.55 -39.34 2.95
CA GLY C 98 -16.24 -39.96 3.12
C GLY C 98 -15.09 -39.00 3.37
N VAL C 99 -15.36 -37.71 3.58
CA VAL C 99 -14.27 -36.73 3.65
C VAL C 99 -13.55 -36.84 4.99
N ASN C 100 -12.26 -36.56 4.97
CA ASN C 100 -11.54 -36.30 6.20
C ASN C 100 -11.04 -34.86 6.27
N THR C 101 -11.38 -34.04 5.28
CA THR C 101 -10.89 -32.67 5.15
C THR C 101 -11.92 -31.77 4.49
N ILE C 102 -12.07 -30.55 5.00
CA ILE C 102 -12.79 -29.49 4.33
C ILE C 102 -11.85 -28.30 4.14
N ARG C 103 -11.85 -27.77 2.92
CA ARG C 103 -11.13 -26.55 2.59
C ARG C 103 -12.09 -25.37 2.61
N LEU C 104 -11.69 -24.32 3.33
CA LEU C 104 -12.50 -23.11 3.48
CA LEU C 104 -12.50 -23.12 3.47
C LEU C 104 -11.85 -22.03 2.63
N PRO C 105 -12.52 -21.61 1.52
CA PRO C 105 -11.94 -20.59 0.62
C PRO C 105 -12.35 -19.19 1.08
N ILE C 106 -11.53 -18.62 1.95
CA ILE C 106 -11.80 -17.33 2.57
C ILE C 106 -11.50 -16.23 1.54
N HIS C 107 -12.57 -15.62 1.01
CA HIS C 107 -12.40 -14.55 0.03
C HIS C 107 -12.11 -13.23 0.69
N PRO C 108 -11.08 -12.51 0.20
CA PRO C 108 -10.77 -11.22 0.82
C PRO C 108 -11.97 -10.25 0.93
N VAL C 109 -12.83 -10.19 -0.09
CA VAL C 109 -13.94 -9.25 -0.02
C VAL C 109 -14.88 -9.60 1.15
N SER C 110 -14.97 -10.90 1.43
CA SER C 110 -15.85 -11.42 2.52
C SER C 110 -15.23 -11.21 3.89
N TRP C 111 -13.92 -11.45 3.97
CA TRP C 111 -13.13 -11.06 5.14
C TRP C 111 -13.41 -9.61 5.52
N ARG C 112 -13.39 -8.72 4.54
CA ARG C 112 -13.66 -7.31 4.81
C ARG C 112 -15.14 -7.08 5.16
N LYS C 113 -16.05 -7.76 4.46
CA LYS C 113 -17.46 -7.47 4.62
C LYS C 113 -17.96 -7.90 6.01
N LEU C 114 -17.64 -9.13 6.38
CA LEU C 114 -17.96 -9.58 7.74
C LEU C 114 -17.10 -8.90 8.80
N GLY C 115 -15.86 -8.63 8.42
CA GLY C 115 -14.84 -8.09 9.33
C GLY C 115 -14.07 -9.23 9.97
N PRO C 116 -12.78 -9.01 10.26
CA PRO C 116 -11.97 -10.04 10.87
C PRO C 116 -12.56 -10.67 12.14
N ASP C 117 -13.07 -9.86 13.04
CA ASP C 117 -13.50 -10.39 14.34
C ASP C 117 -14.64 -11.37 14.15
N VAL C 118 -15.62 -10.98 13.34
CA VAL C 118 -16.77 -11.83 13.10
C VAL C 118 -16.37 -13.05 12.27
N TYR C 119 -15.54 -12.87 11.24
CA TYR C 119 -15.17 -13.99 10.43
C TYR C 119 -14.43 -15.03 11.27
N LEU C 120 -13.51 -14.59 12.12
CA LEU C 120 -12.79 -15.51 12.99
C LEU C 120 -13.73 -16.24 13.96
N GLY C 121 -14.77 -15.58 14.43
CA GLY C 121 -15.74 -16.26 15.27
C GLY C 121 -16.45 -17.40 14.54
N HIS C 122 -16.67 -17.22 13.26
CA HIS C 122 -17.23 -18.29 12.45
C HIS C 122 -16.24 -19.39 12.10
N ILE C 123 -14.98 -19.05 11.88
CA ILE C 123 -13.97 -20.08 11.71
C ILE C 123 -13.89 -20.92 12.99
N ASP C 124 -14.00 -20.28 14.16
CA ASP C 124 -13.99 -21.01 15.42
C ASP C 124 -15.08 -22.10 15.44
N GLU C 125 -16.28 -21.78 14.92
CA GLU C 125 -17.36 -22.78 14.82
C GLU C 125 -16.89 -23.96 13.97
N ALA C 126 -16.34 -23.67 12.80
CA ALA C 126 -15.82 -24.71 11.92
C ALA C 126 -14.78 -25.59 12.61
N VAL C 127 -13.89 -24.97 13.38
CA VAL C 127 -12.90 -25.75 14.11
C VAL C 127 -13.56 -26.71 15.07
N ARG C 128 -14.50 -26.23 15.85
CA ARG C 128 -15.19 -27.13 16.80
C ARG C 128 -15.96 -28.24 16.08
N TRP C 129 -16.68 -27.90 15.00
CA TRP C 129 -17.45 -28.90 14.26
C TRP C 129 -16.53 -29.95 13.68
N ALA C 130 -15.48 -29.50 12.99
CA ALA C 130 -14.53 -30.41 12.37
C ALA C 130 -13.87 -31.32 13.41
N ASN C 131 -13.40 -30.73 14.49
CA ASN C 131 -12.75 -31.47 15.55
C ASN C 131 -13.71 -32.55 16.10
N ASP C 132 -14.97 -32.20 16.31
CA ASP C 132 -15.92 -33.17 16.88
C ASP C 132 -16.13 -34.37 15.95
N LEU C 133 -16.06 -34.11 14.66
CA LEU C 133 -16.20 -35.13 13.63
C LEU C 133 -14.90 -35.84 13.26
N GLY C 134 -13.77 -35.43 13.83
CA GLY C 134 -12.47 -36.00 13.51
C GLY C 134 -11.89 -35.62 12.17
N ILE C 135 -12.39 -34.55 11.56
CA ILE C 135 -11.88 -34.12 10.26
C ILE C 135 -11.01 -32.86 10.40
N TYR C 136 -10.28 -32.56 9.33
CA TYR C 136 -9.31 -31.46 9.33
C TYR C 136 -9.74 -30.34 8.43
N LEU C 137 -9.20 -29.14 8.71
CA LEU C 137 -9.47 -27.95 7.90
C LEU C 137 -8.21 -27.49 7.18
N ILE C 138 -8.39 -27.08 5.93
CA ILE C 138 -7.42 -26.28 5.19
C ILE C 138 -7.97 -24.86 5.11
N LEU C 139 -7.24 -23.89 5.66
CA LEU C 139 -7.64 -22.49 5.53
C LEU C 139 -6.95 -21.90 4.30
N ASP C 140 -7.74 -21.43 3.35
CA ASP C 140 -7.24 -20.92 2.07
C ASP C 140 -7.54 -19.45 1.94
N TRP C 141 -6.48 -18.65 1.79
CA TRP C 141 -6.65 -17.21 1.52
C TRP C 141 -6.95 -17.13 0.03
N HIS C 142 -8.24 -17.00 -0.29
CA HIS C 142 -8.74 -17.31 -1.62
C HIS C 142 -8.74 -16.12 -2.55
N SER C 143 -7.53 -15.81 -3.03
CA SER C 143 -7.34 -14.78 -4.02
C SER C 143 -6.85 -15.42 -5.33
N ILE C 144 -6.97 -14.68 -6.43
CA ILE C 144 -6.58 -15.14 -7.75
C ILE C 144 -5.90 -13.90 -8.40
N GLY C 145 -4.61 -13.99 -8.64
CA GLY C 145 -3.86 -12.86 -9.18
C GLY C 145 -2.45 -12.86 -8.71
N TYR C 146 -1.85 -11.67 -8.73
CA TYR C 146 -0.40 -11.53 -8.55
C TYR C 146 -0.17 -10.61 -7.36
N LEU C 147 0.04 -11.19 -6.20
CA LEU C 147 0.15 -10.42 -4.97
C LEU C 147 1.30 -9.38 -5.00
N PRO C 148 2.45 -9.71 -5.65
CA PRO C 148 3.52 -8.69 -5.62
C PRO C 148 3.15 -7.35 -6.26
N THR C 149 2.26 -7.34 -7.26
CA THR C 149 1.77 -6.08 -7.83
C THR C 149 0.37 -5.71 -7.35
N GLU C 150 -0.22 -6.57 -6.51
CA GLU C 150 -1.54 -6.35 -5.92
C GLU C 150 -2.60 -6.14 -7.00
N GLN C 151 -2.54 -6.97 -8.06
CA GLN C 151 -3.50 -6.95 -9.17
C GLN C 151 -4.13 -8.34 -9.27
N TYR C 152 -5.42 -8.39 -9.58
CA TYR C 152 -6.21 -9.62 -9.42
C TYR C 152 -7.17 -9.86 -10.57
N GLN C 153 -7.66 -11.09 -10.62
CA GLN C 153 -8.60 -11.48 -11.65
C GLN C 153 -9.97 -10.78 -11.53
N HIS C 154 -10.39 -10.49 -10.30
CA HIS C 154 -11.73 -9.96 -10.04
C HIS C 154 -11.69 -9.29 -8.67
N PRO C 155 -12.50 -8.23 -8.47
CA PRO C 155 -12.48 -7.55 -7.16
C PRO C 155 -12.83 -8.39 -5.93
N MET C 156 -13.54 -9.49 -6.09
CA MET C 156 -13.83 -10.32 -4.94
C MET C 156 -12.54 -10.90 -4.33
N TYR C 157 -11.48 -10.95 -5.13
CA TYR C 157 -10.19 -11.46 -4.72
C TYR C 157 -9.20 -10.38 -4.31
N ASP C 158 -9.62 -9.11 -4.39
CA ASP C 158 -8.69 -8.00 -4.20
C ASP C 158 -8.13 -8.01 -2.78
N THR C 159 -6.82 -7.83 -2.68
CA THR C 159 -6.13 -7.77 -1.40
C THR C 159 -4.85 -6.94 -1.58
N THR C 160 -4.05 -6.85 -0.52
CA THR C 160 -2.76 -6.18 -0.52
C THR C 160 -1.79 -7.09 0.22
N ILE C 161 -0.50 -6.83 0.07
CA ILE C 161 0.49 -7.57 0.84
C ILE C 161 0.23 -7.34 2.32
N LYS C 162 -0.08 -6.10 2.69
CA LYS C 162 -0.36 -5.78 4.11
C LYS C 162 -1.54 -6.61 4.65
N GLU C 163 -2.65 -6.64 3.90
CA GLU C 163 -3.83 -7.35 4.36
C GLU C 163 -3.58 -8.86 4.40
N THR C 164 -2.82 -9.38 3.45
CA THR C 164 -2.48 -10.78 3.41
C THR C 164 -1.61 -11.19 4.60
N ARG C 165 -0.58 -10.42 4.87
CA ARG C 165 0.23 -10.64 6.08
C ARG C 165 -0.64 -10.61 7.33
N ASP C 166 -1.53 -9.62 7.41
CA ASP C 166 -2.33 -9.45 8.62
C ASP C 166 -3.30 -10.63 8.80
N PHE C 167 -3.88 -11.11 7.69
CA PHE C 167 -4.73 -12.30 7.76
C PHE C 167 -3.96 -13.46 8.38
N TRP C 168 -2.77 -13.73 7.84
CA TRP C 168 -1.98 -14.83 8.37
C TRP C 168 -1.50 -14.59 9.78
N ARG C 169 -1.17 -13.35 10.13
CA ARG C 169 -0.78 -13.04 11.48
C ARG C 169 -1.93 -13.40 12.43
N ARG C 170 -3.12 -12.95 12.09
CA ARG C 170 -4.25 -13.13 12.98
C ARG C 170 -4.62 -14.63 13.11
N ILE C 171 -4.61 -15.33 11.99
CA ILE C 171 -4.92 -16.75 11.98
C ILE C 171 -3.91 -17.52 12.80
N THR C 172 -2.63 -17.20 12.61
CA THR C 172 -1.58 -17.94 13.29
C THR C 172 -1.69 -17.75 14.78
N PHE C 173 -1.94 -16.53 15.21
CA PHE C 173 -2.12 -16.25 16.64
C PHE C 173 -3.35 -16.97 17.19
N ARG C 174 -4.48 -16.86 16.50
CA ARG C 174 -5.71 -17.39 17.06
C ARG C 174 -5.70 -18.92 17.16
N TYR C 175 -5.11 -19.59 16.19
CA TYR C 175 -5.22 -21.06 16.10
C TYR C 175 -3.93 -21.76 16.49
N GLN C 176 -3.13 -21.09 17.32
CA GLN C 176 -1.94 -21.72 17.84
C GLN C 176 -2.29 -23.06 18.52
N ASN C 177 -1.48 -24.08 18.25
CA ASN C 177 -1.61 -25.39 18.91
C ASN C 177 -2.99 -26.04 18.73
N VAL C 178 -3.58 -25.87 17.54
CA VAL C 178 -4.89 -26.45 17.21
C VAL C 178 -4.68 -27.49 16.10
N PRO C 179 -4.75 -28.79 16.45
CA PRO C 179 -4.51 -29.82 15.41
CA PRO C 179 -4.51 -29.82 15.43
C PRO C 179 -5.50 -29.83 14.26
N THR C 180 -6.73 -29.43 14.53
CA THR C 180 -7.80 -29.46 13.56
C THR C 180 -7.48 -28.64 12.32
N VAL C 181 -6.82 -27.49 12.54
CA VAL C 181 -6.46 -26.60 11.45
C VAL C 181 -5.07 -27.04 10.99
N ALA C 182 -5.02 -27.78 9.89
CA ALA C 182 -3.82 -28.50 9.53
C ALA C 182 -2.93 -27.74 8.56
N VAL C 183 -3.53 -26.98 7.67
CA VAL C 183 -2.82 -26.39 6.54
C VAL C 183 -3.22 -24.94 6.38
N TYR C 184 -2.18 -24.09 6.19
CA TYR C 184 -2.37 -22.67 5.89
C TYR C 184 -1.98 -22.48 4.43
N GLU C 185 -2.99 -22.36 3.56
CA GLU C 185 -2.76 -22.23 2.12
C GLU C 185 -2.70 -20.75 1.78
N LEU C 186 -1.47 -20.29 1.62
CA LEU C 186 -1.12 -18.88 1.69
C LEU C 186 -1.78 -17.98 0.67
N PHE C 187 -1.93 -18.46 -0.55
CA PHE C 187 -2.53 -17.68 -1.62
C PHE C 187 -3.03 -18.64 -2.71
N ASN C 188 -4.36 -18.79 -2.77
CA ASN C 188 -5.02 -19.77 -3.62
C ASN C 188 -4.39 -19.94 -5.01
N GLU C 189 -4.53 -18.92 -5.87
CA GLU C 189 -4.14 -19.10 -7.29
C GLU C 189 -3.30 -17.94 -7.82
N PRO C 190 -1.97 -18.06 -7.70
CA PRO C 190 -1.06 -17.12 -8.36
C PRO C 190 -1.24 -17.17 -9.87
N THR C 191 -1.40 -16.01 -10.48
CA THR C 191 -1.45 -15.88 -11.91
C THR C 191 -1.23 -14.42 -12.27
N THR C 192 -0.63 -14.18 -13.42
CA THR C 192 -0.57 -12.83 -13.97
C THR C 192 -1.48 -12.65 -15.18
N MET C 193 -2.30 -13.65 -15.49
CA MET C 193 -3.22 -13.56 -16.62
C MET C 193 -2.48 -13.13 -17.89
N GLY C 194 -1.48 -13.92 -18.26
CA GLY C 194 -0.68 -13.60 -19.43
C GLY C 194 0.15 -12.34 -19.27
N ASN C 195 0.60 -12.09 -18.05
CA ASN C 195 1.38 -10.89 -17.68
C ASN C 195 0.62 -9.58 -17.86
N THR C 196 -0.70 -9.64 -17.92
CA THR C 196 -1.52 -8.44 -17.84
C THR C 196 -1.59 -7.86 -16.42
N LEU C 197 -1.33 -8.67 -15.40
CA LEU C 197 -1.40 -8.20 -14.00
C LEU C 197 -0.05 -7.79 -13.43
N GLY C 198 1.02 -8.05 -14.19
CA GLY C 198 2.38 -7.90 -13.72
C GLY C 198 3.26 -8.87 -14.47
N GLU C 199 4.56 -8.83 -14.23
CA GLU C 199 5.49 -9.76 -14.84
C GLU C 199 5.74 -10.88 -13.87
N ARG C 200 5.28 -12.09 -14.22
CA ARG C 200 5.46 -13.20 -13.29
C ARG C 200 6.96 -13.37 -13.03
N ASN C 201 7.31 -13.57 -11.77
CA ASN C 201 8.70 -13.71 -11.38
C ASN C 201 8.81 -14.66 -10.20
N TRP C 202 9.32 -15.86 -10.43
CA TRP C 202 9.36 -16.86 -9.38
C TRP C 202 10.18 -16.37 -8.17
N ALA C 203 11.33 -15.76 -8.42
CA ALA C 203 12.17 -15.34 -7.31
C ALA C 203 11.40 -14.43 -6.32
N GLU C 204 10.68 -13.47 -6.88
CA GLU C 204 9.89 -12.54 -6.10
C GLU C 204 8.78 -13.25 -5.31
N TRP C 205 8.11 -14.18 -5.98
CA TRP C 205 7.00 -14.91 -5.36
C TRP C 205 7.49 -15.85 -4.26
N LYS C 206 8.57 -16.56 -4.56
CA LYS C 206 9.24 -17.41 -3.59
C LYS C 206 9.61 -16.62 -2.34
N THR C 207 10.21 -15.46 -2.54
CA THR C 207 10.63 -14.62 -1.43
C THR C 207 9.44 -14.18 -0.55
N LEU C 208 8.34 -13.80 -1.19
CA LEU C 208 7.18 -13.36 -0.43
C LEU C 208 6.57 -14.54 0.35
N ASN C 209 6.51 -15.72 -0.26
CA ASN C 209 6.02 -16.89 0.49
C ASN C 209 6.92 -17.19 1.67
N GLU C 210 8.24 -17.10 1.48
CA GLU C 210 9.18 -17.33 2.57
C GLU C 210 9.00 -16.34 3.70
N SER C 211 8.69 -15.09 3.38
CA SER C 211 8.42 -14.06 4.37
C SER C 211 7.16 -14.41 5.17
N LEU C 212 6.11 -14.83 4.47
CA LEU C 212 4.88 -15.25 5.14
C LEU C 212 5.13 -16.46 6.05
N ILE C 213 5.88 -17.44 5.54
CA ILE C 213 6.19 -18.64 6.32
C ILE C 213 6.95 -18.26 7.60
N ASP C 214 7.87 -17.29 7.49
CA ASP C 214 8.63 -16.90 8.66
C ASP C 214 7.72 -16.25 9.72
N MET C 215 6.74 -15.46 9.27
CA MET C 215 5.76 -14.89 10.23
C MET C 215 5.01 -15.97 10.96
N ILE C 216 4.60 -16.98 10.22
CA ILE C 216 3.80 -18.07 10.78
C ILE C 216 4.62 -18.88 11.74
N TYR C 217 5.79 -19.34 11.28
CA TYR C 217 6.66 -20.17 12.10
C TYR C 217 7.20 -19.44 13.33
N ALA C 218 7.23 -18.10 13.32
CA ALA C 218 7.60 -17.37 14.49
C ALA C 218 6.62 -17.56 15.65
N SER C 219 5.40 -18.02 15.39
N SER C 219 5.36 -17.89 15.23
CA SER C 219 4.51 -18.35 16.52
CA SER C 219 4.12 -17.92 16.05
C SER C 219 4.21 -19.84 16.54
C SER C 219 3.63 -19.39 16.31
N ASP C 220 3.89 -20.37 15.38
CA ASP C 220 3.40 -21.76 15.43
C ASP C 220 4.14 -22.61 14.39
N LYS C 221 5.09 -23.43 14.85
CA LYS C 221 5.83 -24.35 13.99
C LYS C 221 5.10 -25.67 13.68
N THR C 222 3.89 -25.86 14.20
CA THR C 222 3.15 -27.09 13.95
C THR C 222 2.30 -27.02 12.70
N VAL C 223 2.09 -25.84 12.16
CA VAL C 223 1.21 -25.70 11.02
C VAL C 223 1.95 -26.06 9.75
N ILE C 224 1.21 -26.48 8.72
CA ILE C 224 1.76 -26.78 7.41
C ILE C 224 1.41 -25.69 6.41
N PRO C 225 2.41 -24.88 6.01
CA PRO C 225 2.16 -23.94 4.92
C PRO C 225 2.02 -24.66 3.60
N LEU C 226 1.12 -24.19 2.77
CA LEU C 226 0.91 -24.76 1.45
C LEU C 226 1.16 -23.65 0.41
N VAL C 227 2.13 -23.89 -0.48
CA VAL C 227 2.62 -22.91 -1.43
C VAL C 227 2.21 -23.30 -2.85
N ALA C 228 1.89 -22.31 -3.67
CA ALA C 228 1.41 -22.50 -5.02
C ALA C 228 2.32 -21.86 -6.06
N GLY C 229 2.34 -22.46 -7.24
CA GLY C 229 2.97 -21.93 -8.41
C GLY C 229 2.07 -21.08 -9.28
N PHE C 230 2.61 -20.69 -10.43
CA PHE C 230 1.93 -19.83 -11.35
C PHE C 230 0.94 -20.61 -12.25
N ASN C 231 0.33 -19.92 -13.23
CA ASN C 231 -0.70 -20.49 -14.07
C ASN C 231 -1.84 -21.02 -13.21
N TRP C 232 -2.34 -20.20 -12.31
CA TRP C 232 -3.43 -20.56 -11.40
C TRP C 232 -3.08 -21.81 -10.57
N ALA C 233 -1.94 -21.78 -9.92
CA ALA C 233 -1.50 -22.88 -9.09
C ALA C 233 -1.38 -24.19 -9.86
N TYR C 234 -1.12 -24.14 -11.14
CA TYR C 234 -0.89 -25.35 -11.92
C TYR C 234 0.58 -25.72 -12.04
N ASP C 235 1.44 -24.70 -12.22
CA ASP C 235 2.82 -24.91 -12.61
C ASP C 235 3.76 -24.81 -11.42
N LEU C 236 4.17 -25.96 -10.91
CA LEU C 236 5.15 -26.03 -9.85
C LEU C 236 6.58 -26.18 -10.37
N SER C 237 6.76 -26.22 -11.69
CA SER C 237 8.08 -26.53 -12.23
C SER C 237 9.24 -25.62 -11.76
N PRO C 238 8.97 -24.35 -11.37
CA PRO C 238 10.09 -23.57 -10.82
C PRO C 238 10.77 -24.18 -9.60
N ILE C 239 10.07 -25.03 -8.86
CA ILE C 239 10.66 -25.61 -7.67
C ILE C 239 11.71 -26.67 -7.94
N LYS C 240 11.83 -27.12 -9.19
CA LYS C 240 12.87 -28.08 -9.54
C LYS C 240 14.24 -27.47 -9.24
N LYS C 241 14.40 -26.19 -9.58
CA LYS C 241 15.65 -25.47 -9.38
C LYS C 241 15.65 -24.50 -8.19
N ALA C 242 14.47 -24.00 -7.83
CA ALA C 242 14.33 -22.96 -6.80
C ALA C 242 13.17 -23.25 -5.85
N PRO C 243 13.26 -24.36 -5.10
CA PRO C 243 12.19 -24.65 -4.12
C PRO C 243 12.19 -23.66 -2.98
N ILE C 244 11.04 -23.49 -2.35
CA ILE C 244 10.94 -22.70 -1.12
C ILE C 244 11.96 -23.24 -0.12
N GLU C 245 12.76 -22.36 0.48
CA GLU C 245 13.86 -22.79 1.34
C GLU C 245 13.42 -22.89 2.79
N ARG C 246 12.35 -23.63 3.03
CA ARG C 246 11.81 -23.87 4.37
C ARG C 246 11.39 -25.33 4.47
N GLU C 247 11.53 -25.89 5.65
CA GLU C 247 11.07 -27.24 5.95
C GLU C 247 9.62 -27.22 6.36
N GLY C 248 8.99 -28.39 6.24
CA GLY C 248 7.66 -28.58 6.78
C GLY C 248 6.53 -28.02 5.92
N ILE C 249 6.80 -27.76 4.66
CA ILE C 249 5.78 -27.19 3.80
C ILE C 249 5.29 -28.25 2.79
N ALA C 250 4.17 -27.95 2.19
CA ALA C 250 3.63 -28.73 1.11
C ALA C 250 3.34 -27.81 -0.06
N TYR C 251 3.12 -28.40 -1.23
CA TYR C 251 2.81 -27.65 -2.44
C TYR C 251 1.42 -27.94 -2.96
N ALA C 252 0.74 -26.89 -3.37
CA ALA C 252 -0.59 -26.99 -3.99
C ALA C 252 -0.47 -27.34 -5.44
N ALA C 253 -1.51 -27.95 -5.97
CA ALA C 253 -1.65 -28.15 -7.41
C ALA C 253 -3.12 -28.03 -7.77
N HIS C 254 -3.45 -27.36 -8.87
CA HIS C 254 -4.83 -27.25 -9.34
C HIS C 254 -4.94 -27.80 -10.74
N PRO C 255 -4.94 -29.15 -10.84
CA PRO C 255 -4.88 -29.81 -12.13
C PRO C 255 -6.26 -29.97 -12.77
N TYR C 256 -6.87 -28.86 -13.15
CA TYR C 256 -8.13 -28.94 -13.86
CA TYR C 256 -8.13 -28.90 -13.90
C TYR C 256 -7.94 -29.63 -15.23
N PRO C 257 -9.04 -30.18 -15.78
CA PRO C 257 -8.90 -31.06 -16.96
C PRO C 257 -8.18 -30.46 -18.16
N GLN C 258 -8.39 -29.17 -18.43
CA GLN C 258 -7.87 -28.59 -19.66
C GLN C 258 -6.56 -27.81 -19.44
N LYS C 259 -5.96 -27.90 -18.26
CA LYS C 259 -4.66 -27.23 -18.05
C LYS C 259 -3.59 -27.83 -18.94
N ALA C 260 -3.55 -29.14 -18.99
CA ALA C 260 -2.69 -29.87 -19.93
C ALA C 260 -3.49 -30.07 -21.21
N LYS C 261 -2.85 -29.87 -22.37
CA LYS C 261 -3.50 -29.89 -23.68
C LYS C 261 -2.80 -30.79 -24.67
N PRO C 262 -2.77 -32.10 -24.38
CA PRO C 262 -2.15 -33.02 -25.33
C PRO C 262 -3.01 -33.14 -26.58
N GLU C 263 -2.39 -33.22 -27.75
CA GLU C 263 -3.14 -33.38 -29.01
C GLU C 263 -3.95 -34.67 -28.95
N VAL C 264 -3.33 -35.72 -28.43
CA VAL C 264 -3.96 -37.03 -28.29
C VAL C 264 -4.27 -37.28 -26.81
N LYS C 265 -5.56 -37.41 -26.51
CA LYS C 265 -6.06 -37.46 -25.13
C LYS C 265 -6.08 -38.87 -24.55
N ASN C 266 -5.03 -39.23 -23.82
CA ASN C 266 -4.94 -40.53 -23.17
C ASN C 266 -4.14 -40.45 -21.86
N ASP C 267 -4.13 -41.53 -21.10
CA ASP C 267 -3.35 -41.61 -19.88
C ASP C 267 -1.89 -41.20 -20.10
N LYS C 268 -1.25 -41.77 -21.11
CA LYS C 268 0.18 -41.57 -21.28
C LYS C 268 0.53 -40.08 -21.45
N ASN C 269 -0.19 -39.39 -22.32
CA ASN C 269 0.12 -38.02 -22.66
C ASN C 269 -0.25 -37.07 -21.54
N PHE C 270 -1.38 -37.32 -20.87
CA PHE C 270 -1.76 -36.50 -19.71
C PHE C 270 -0.79 -36.70 -18.56
N PHE C 271 -0.45 -37.95 -18.27
CA PHE C 271 0.43 -38.25 -17.14
C PHE C 271 1.79 -37.61 -17.35
N LYS C 272 2.27 -37.63 -18.59
CA LYS C 272 3.55 -37.01 -18.93
C LYS C 272 3.52 -35.51 -18.70
N LEU C 273 2.48 -34.86 -19.19
CA LEU C 273 2.33 -33.41 -19.02
C LEU C 273 2.14 -33.03 -17.55
N TRP C 274 1.30 -33.78 -16.85
CA TRP C 274 1.11 -33.58 -15.41
C TRP C 274 2.43 -33.77 -14.64
N ASP C 275 3.18 -34.81 -15.01
CA ASP C 275 4.48 -35.08 -14.41
C ASP C 275 5.39 -33.85 -14.50
N GLU C 276 5.47 -33.30 -15.70
CA GLU C 276 6.36 -32.20 -16.02
C GLU C 276 6.03 -30.95 -15.19
N LYS C 277 4.74 -30.65 -15.04
CA LYS C 277 4.35 -29.36 -14.47
C LYS C 277 4.09 -29.40 -12.96
N TRP C 278 3.66 -30.53 -12.42
CA TRP C 278 3.33 -30.57 -10.99
C TRP C 278 3.51 -31.93 -10.29
N GLY C 279 3.24 -33.03 -11.00
CA GLY C 279 3.28 -34.34 -10.37
C GLY C 279 4.64 -34.71 -9.81
N PHE C 280 5.70 -34.24 -10.49
CA PHE C 280 7.08 -34.50 -10.05
C PHE C 280 7.30 -34.05 -8.60
N ALA C 281 6.58 -33.00 -8.20
CA ALA C 281 6.76 -32.46 -6.86
C ALA C 281 6.52 -33.49 -5.77
N ALA C 282 5.57 -34.40 -6.02
CA ALA C 282 5.17 -35.40 -5.05
C ALA C 282 6.26 -36.44 -4.76
N ASP C 283 7.29 -36.48 -5.60
CA ASP C 283 8.45 -37.35 -5.34
C ASP C 283 9.26 -36.84 -4.14
N THR C 284 9.17 -35.53 -3.87
CA THR C 284 10.06 -34.89 -2.90
C THR C 284 9.32 -34.22 -1.75
N TYR C 285 8.13 -33.70 -2.02
CA TYR C 285 7.33 -32.97 -1.04
C TYR C 285 5.93 -33.51 -1.06
N PRO C 286 5.19 -33.28 0.03
CA PRO C 286 3.77 -33.56 -0.04
C PRO C 286 3.05 -32.57 -0.94
N VAL C 287 2.05 -33.03 -1.65
CA VAL C 287 1.24 -32.24 -2.55
C VAL C 287 -0.24 -32.39 -2.24
N ILE C 288 -0.96 -31.27 -2.16
CA ILE C 288 -2.41 -31.28 -2.08
C ILE C 288 -2.99 -30.62 -3.31
N ALA C 289 -3.79 -31.38 -4.06
CA ALA C 289 -4.55 -30.85 -5.16
C ALA C 289 -5.77 -30.18 -4.56
N THR C 290 -5.62 -28.92 -4.14
CA THR C 290 -6.66 -28.24 -3.38
C THR C 290 -7.85 -27.76 -4.20
N GLN C 291 -7.74 -27.83 -5.54
CA GLN C 291 -8.90 -27.71 -6.43
C GLN C 291 -8.69 -28.63 -7.58
N LEU C 292 -9.78 -29.29 -7.95
CA LEU C 292 -9.86 -30.16 -9.13
C LEU C 292 -11.32 -30.42 -9.34
N GLY C 293 -11.68 -30.83 -10.54
CA GLY C 293 -13.06 -31.18 -10.86
C GLY C 293 -13.38 -30.84 -12.29
N TRP C 294 -14.61 -31.14 -12.70
CA TRP C 294 -15.04 -30.91 -14.06
C TRP C 294 -16.54 -30.76 -14.17
N VAL C 295 -16.94 -30.22 -15.30
CA VAL C 295 -18.34 -30.23 -15.76
C VAL C 295 -18.34 -30.64 -17.23
N GLN C 296 -19.40 -31.32 -17.65
CA GLN C 296 -19.49 -31.75 -19.05
C GLN C 296 -19.45 -30.51 -19.95
N PRO C 297 -18.91 -30.66 -21.19
CA PRO C 297 -18.57 -29.47 -21.95
C PRO C 297 -19.78 -28.67 -22.39
N ASP C 298 -20.92 -29.35 -22.54
CA ASP C 298 -22.15 -28.68 -22.95
C ASP C 298 -22.98 -28.30 -21.73
N GLY C 299 -22.40 -28.45 -20.54
CA GLY C 299 -23.11 -28.21 -19.29
C GLY C 299 -23.37 -26.76 -19.07
N TYR C 300 -24.50 -26.47 -18.44
CA TYR C 300 -24.82 -25.11 -18.04
C TYR C 300 -23.68 -24.59 -17.15
N GLY C 301 -23.13 -23.43 -17.51
CA GLY C 301 -22.06 -22.81 -16.72
C GLY C 301 -20.66 -23.38 -16.94
N ALA C 302 -20.52 -24.29 -17.88
CA ALA C 302 -19.24 -24.90 -18.20
C ALA C 302 -18.30 -23.88 -18.89
N HIS C 303 -17.02 -23.93 -18.52
CA HIS C 303 -16.02 -23.00 -19.02
C HIS C 303 -14.67 -23.66 -18.99
N ILE C 304 -13.78 -23.24 -19.88
CA ILE C 304 -12.35 -23.55 -19.75
C ILE C 304 -11.85 -23.03 -18.39
N PRO C 305 -11.03 -23.81 -17.68
CA PRO C 305 -10.44 -25.08 -18.04
C PRO C 305 -11.09 -26.30 -17.39
N VAL C 306 -12.38 -26.24 -17.07
CA VAL C 306 -13.05 -27.33 -16.36
C VAL C 306 -13.94 -28.23 -17.21
N LYS C 307 -13.97 -28.00 -18.53
CA LYS C 307 -14.80 -28.85 -19.40
C LYS C 307 -14.15 -30.20 -19.62
N ASP C 308 -14.95 -31.27 -19.52
CA ASP C 308 -14.44 -32.61 -19.77
C ASP C 308 -15.58 -33.59 -20.02
N ASP C 309 -15.31 -34.61 -20.83
CA ASP C 309 -16.34 -35.64 -21.13
C ASP C 309 -16.54 -36.66 -20.00
N GLY C 310 -15.81 -36.45 -18.90
CA GLY C 310 -15.95 -37.28 -17.71
C GLY C 310 -14.78 -38.24 -17.51
N SER C 311 -14.04 -38.55 -18.58
CA SER C 311 -12.82 -39.40 -18.48
C SER C 311 -11.70 -38.84 -17.60
N TYR C 312 -11.70 -37.54 -17.37
CA TYR C 312 -10.73 -36.93 -16.47
C TYR C 312 -10.84 -37.46 -15.05
N GLY C 313 -12.05 -37.73 -14.60
CA GLY C 313 -12.26 -38.15 -13.24
C GLY C 313 -11.46 -39.37 -12.88
N PRO C 314 -11.72 -40.48 -13.59
CA PRO C 314 -10.92 -41.67 -13.35
C PRO C 314 -9.42 -41.43 -13.55
N ARG C 315 -9.06 -40.64 -14.55
CA ARG C 315 -7.65 -40.42 -14.90
C ARG C 315 -6.91 -39.66 -13.79
N ILE C 316 -7.50 -38.56 -13.30
CA ILE C 316 -6.84 -37.78 -12.25
C ILE C 316 -6.79 -38.55 -10.93
N VAL C 317 -7.84 -39.34 -10.65
CA VAL C 317 -7.85 -40.12 -9.44
C VAL C 317 -6.77 -41.23 -9.51
N LYS C 318 -6.64 -41.88 -10.68
CA LYS C 318 -5.63 -42.91 -10.88
C LYS C 318 -4.23 -42.32 -10.69
N TYR C 319 -4.01 -41.16 -11.27
CA TYR C 319 -2.73 -40.47 -11.16
C TYR C 319 -2.42 -40.09 -9.71
N MET C 320 -3.37 -39.48 -9.04
CA MET C 320 -3.14 -39.05 -7.67
C MET C 320 -2.89 -40.25 -6.75
N GLN C 321 -3.68 -41.31 -6.94
CA GLN C 321 -3.60 -42.47 -6.05
C GLN C 321 -2.24 -43.14 -6.18
N LYS C 322 -1.72 -43.21 -7.39
CA LYS C 322 -0.44 -43.89 -7.57
C LYS C 322 0.72 -43.05 -7.01
N LYS C 323 0.51 -41.75 -6.92
CA LYS C 323 1.54 -40.86 -6.35
C LYS C 323 1.32 -40.46 -4.90
N GLY C 324 0.19 -40.90 -4.34
CA GLY C 324 -0.18 -40.61 -2.96
C GLY C 324 -0.53 -39.15 -2.69
N VAL C 325 -0.98 -38.44 -3.72
CA VAL C 325 -1.35 -37.03 -3.65
C VAL C 325 -2.70 -36.83 -2.94
N SER C 326 -2.74 -35.84 -2.07
CA SER C 326 -3.94 -35.42 -1.35
C SER C 326 -4.81 -34.52 -2.21
N TYR C 327 -6.08 -34.33 -1.85
CA TYR C 327 -6.97 -33.54 -2.70
C TYR C 327 -8.22 -33.04 -2.00
N THR C 328 -8.71 -31.89 -2.45
CA THR C 328 -10.01 -31.38 -2.08
C THR C 328 -10.73 -30.91 -3.32
N VAL C 329 -11.86 -31.54 -3.61
CA VAL C 329 -12.62 -31.27 -4.82
C VAL C 329 -13.26 -29.88 -4.75
N TRP C 330 -13.31 -29.20 -5.89
CA TRP C 330 -13.99 -27.91 -6.03
C TRP C 330 -15.29 -28.20 -6.83
N VAL C 331 -16.48 -27.95 -6.27
CA VAL C 331 -16.76 -27.37 -4.95
C VAL C 331 -18.10 -27.97 -4.46
N PHE C 332 -18.19 -28.20 -3.16
CA PHE C 332 -19.42 -28.73 -2.56
C PHE C 332 -20.36 -27.57 -2.27
N ASP C 333 -21.06 -27.16 -3.33
CA ASP C 333 -21.94 -26.01 -3.32
C ASP C 333 -22.88 -26.17 -4.53
N PRO C 334 -24.15 -25.73 -4.41
CA PRO C 334 -25.08 -25.87 -5.53
C PRO C 334 -25.07 -24.72 -6.51
N ASP C 335 -24.33 -23.65 -6.19
CA ASP C 335 -24.28 -22.46 -7.02
C ASP C 335 -22.94 -22.29 -7.73
N TRP C 336 -21.86 -22.38 -6.96
CA TRP C 336 -20.53 -22.13 -7.46
C TRP C 336 -20.07 -23.36 -8.23
N SER C 337 -19.49 -23.15 -9.41
CA SER C 337 -19.17 -24.22 -10.32
C SER C 337 -17.70 -24.50 -10.46
N PRO C 338 -17.33 -25.73 -10.84
CA PRO C 338 -18.19 -26.90 -11.02
C PRO C 338 -18.79 -27.39 -9.69
N THR C 339 -20.10 -27.53 -9.68
CA THR C 339 -20.79 -27.99 -8.50
C THR C 339 -20.59 -29.48 -8.24
N MET C 340 -20.61 -29.89 -6.97
CA MET C 340 -20.69 -31.33 -6.62
C MET C 340 -22.13 -31.73 -6.28
N ILE C 341 -23.01 -30.76 -6.06
CA ILE C 341 -24.39 -31.01 -5.65
C ILE C 341 -25.32 -30.04 -6.40
N ASN C 342 -26.58 -30.46 -6.59
CA ASN C 342 -27.57 -29.64 -7.29
C ASN C 342 -28.39 -28.75 -6.39
N ASP C 343 -28.37 -29.03 -5.08
CA ASP C 343 -29.26 -28.39 -4.16
C ASP C 343 -28.74 -28.66 -2.74
N TRP C 344 -29.41 -28.10 -1.75
CA TRP C 344 -29.03 -28.27 -0.36
C TRP C 344 -29.62 -29.51 0.30
N ASP C 345 -30.27 -30.36 -0.51
CA ASP C 345 -30.52 -31.75 -0.14
C ASP C 345 -29.41 -32.67 -0.66
N PHE C 346 -28.34 -32.07 -1.17
CA PHE C 346 -27.14 -32.77 -1.52
C PHE C 346 -27.28 -33.74 -2.68
N THR C 347 -28.22 -33.48 -3.59
CA THR C 347 -28.33 -34.35 -4.77
C THR C 347 -27.02 -34.27 -5.55
N PRO C 348 -26.33 -35.41 -5.78
CA PRO C 348 -25.03 -35.23 -6.42
C PRO C 348 -25.15 -34.84 -7.89
N SER C 349 -24.23 -33.99 -8.33
CA SER C 349 -24.01 -33.69 -9.75
C SER C 349 -23.19 -34.81 -10.36
N GLU C 350 -22.87 -34.70 -11.66
CA GLU C 350 -22.06 -35.73 -12.32
C GLU C 350 -20.73 -35.91 -11.59
N GLN C 351 -19.96 -34.83 -11.45
CA GLN C 351 -18.68 -35.01 -10.75
C GLN C 351 -18.89 -35.34 -9.28
N GLY C 352 -19.97 -34.80 -8.69
CA GLY C 352 -20.26 -35.09 -7.29
C GLY C 352 -20.43 -36.58 -7.03
N ALA C 353 -21.23 -37.23 -7.86
CA ALA C 353 -21.47 -38.68 -7.71
C ALA C 353 -20.16 -39.44 -7.87
N PHE C 354 -19.35 -39.03 -8.84
CA PHE C 354 -18.10 -39.70 -9.08
C PHE C 354 -17.16 -39.59 -7.88
N PHE C 355 -16.90 -38.36 -7.41
CA PHE C 355 -15.98 -38.19 -6.29
C PHE C 355 -16.52 -38.74 -4.97
N LYS C 356 -17.84 -38.73 -4.81
CA LYS C 356 -18.43 -39.34 -3.61
C LYS C 356 -18.03 -40.80 -3.53
N GLN C 357 -18.17 -41.52 -4.64
CA GLN C 357 -17.84 -42.94 -4.58
CA GLN C 357 -17.83 -42.95 -4.69
C GLN C 357 -16.34 -43.16 -4.40
N VAL C 358 -15.51 -42.32 -5.03
CA VAL C 358 -14.07 -42.38 -4.82
C VAL C 358 -13.72 -42.20 -3.32
N MET C 359 -14.28 -41.18 -2.71
CA MET C 359 -13.93 -40.87 -1.31
C MET C 359 -14.46 -41.91 -0.33
N LEU C 360 -15.66 -42.42 -0.57
CA LEU C 360 -16.20 -43.47 0.28
C LEU C 360 -15.34 -44.73 0.18
N GLU C 361 -14.92 -45.08 -1.03
CA GLU C 361 -14.07 -46.27 -1.24
C GLU C 361 -12.69 -46.08 -0.56
N ALA C 362 -12.11 -44.87 -0.70
CA ALA C 362 -10.81 -44.58 -0.08
C ALA C 362 -10.86 -44.62 1.45
N LYS C 363 -11.97 -44.20 2.02
CA LYS C 363 -12.15 -44.21 3.45
C LYS C 363 -12.18 -45.65 4.00
N LYS C 364 -12.69 -46.60 3.20
CA LYS C 364 -12.74 -48.03 3.57
C LYS C 364 -11.41 -48.76 3.36
N ARG C 365 -10.55 -48.26 2.49
CA ARG C 365 -9.27 -48.92 2.16
C ARG C 365 -8.26 -48.92 3.30
#